data_7ERM
#
_entry.id   7ERM
#
_cell.length_a   67.381
_cell.length_b   98.711
_cell.length_c   161.003
_cell.angle_alpha   90.000
_cell.angle_beta   90.000
_cell.angle_gamma   90.000
#
_symmetry.space_group_name_H-M   'P 21 21 21'
#
loop_
_entity.id
_entity.type
_entity.pdbx_description
1 polymer 'D-tagatose 3-epimerase'
2 non-polymer 'MAGNESIUM ION'
3 non-polymer 'SULFATE ION'
4 water water
#
_entity_poly.entity_id   1
_entity_poly.type   'polypeptide(L)'
_entity_poly.pdbx_seq_one_letter_code
;MQGFGVHAMMWSLNWDHESARRAIAGAADYGQDFIEIPLVDLPSVDTAHTRALLEKYGLRAACSLVLPEPAWASVRPEAA
VAHLNAALDKAAEMGAEALTGVTYGGTSERTGFPPTQAEYDNLTRALSQSAGHAKTLGLQFGIEAVNRYENHLVNSAEQA
VALVERIGADNIFVHLDTFHMNMEEKGIANGIIAAHDYLKYMHMSESDRGTPGFGNVAWDAVFAALAAIGFKGVLTLESF
AAMPEEMAGAISTWRPVASGADEVLDKGLAFLRDKASQYRIFG
;
_entity_poly.pdbx_strand_id   A,B,C,D
#
loop_
_chem_comp.id
_chem_comp.type
_chem_comp.name
_chem_comp.formula
MG non-polymer 'MAGNESIUM ION' 'Mg 2'
SO4 non-polymer 'SULFATE ION' 'O4 S -2'
#
# COMPACT_ATOMS: atom_id res chain seq x y z
N MET A 1 21.58 10.24 -19.95
CA MET A 1 21.99 9.24 -18.98
C MET A 1 20.85 8.29 -18.70
N GLN A 2 21.05 6.99 -18.86
CA GLN A 2 19.98 6.01 -18.64
C GLN A 2 20.55 4.80 -17.89
N GLY A 3 19.80 4.28 -16.91
CA GLY A 3 20.21 2.99 -16.37
C GLY A 3 20.18 2.96 -14.84
N PHE A 4 20.96 2.04 -14.27
CA PHE A 4 20.98 1.81 -12.82
C PHE A 4 22.24 2.40 -12.19
N GLY A 5 22.08 3.05 -11.04
CA GLY A 5 23.19 3.68 -10.36
C GLY A 5 23.24 3.32 -8.89
N VAL A 6 24.44 3.48 -8.30
CA VAL A 6 24.60 3.33 -6.86
C VAL A 6 25.48 4.47 -6.36
N HIS A 7 25.03 5.13 -5.28
CA HIS A 7 25.81 6.19 -4.67
C HIS A 7 27.05 5.64 -3.98
N ALA A 8 28.18 6.34 -4.15
CA ALA A 8 29.45 5.86 -3.60
C ALA A 8 29.47 5.82 -2.08
N MET A 9 28.51 6.44 -1.40
CA MET A 9 28.42 6.32 0.05
C MET A 9 28.26 4.87 0.52
N MET A 10 27.81 3.97 -0.36
CA MET A 10 27.76 2.56 0.02
C MET A 10 29.14 1.96 0.31
N TRP A 11 30.25 2.61 -0.09
CA TRP A 11 31.61 2.16 0.24
C TRP A 11 32.44 3.19 0.98
N SER A 12 32.22 4.48 0.81
CA SER A 12 32.91 5.53 1.56
C SER A 12 32.22 6.85 1.27
N LEU A 13 32.49 7.85 2.09
CA LEU A 13 32.16 9.21 1.68
C LEU A 13 33.39 10.11 1.61
N ASN A 14 34.58 9.58 1.86
CA ASN A 14 35.77 10.23 1.35
C ASN A 14 36.05 9.76 -0.07
N TRP A 15 36.84 10.53 -0.80
CA TRP A 15 37.15 10.18 -2.19
C TRP A 15 38.65 10.29 -2.43
N ASP A 16 39.44 9.66 -1.57
CA ASP A 16 40.85 9.51 -1.87
C ASP A 16 41.04 8.39 -2.91
N HIS A 17 42.29 8.19 -3.31
CA HIS A 17 42.64 7.12 -4.26
C HIS A 17 42.03 5.77 -3.85
N GLU A 18 42.21 5.39 -2.59
CA GLU A 18 41.73 4.09 -2.14
C GLU A 18 40.21 4.03 -2.11
N SER A 19 39.56 5.06 -1.54
CA SER A 19 38.09 5.07 -1.53
C SER A 19 37.54 5.05 -2.94
N ALA A 20 38.17 5.77 -3.86
CA ALA A 20 37.68 5.75 -5.24
C ALA A 20 37.81 4.35 -5.83
N ARG A 21 38.94 3.68 -5.60
CA ARG A 21 39.11 2.33 -6.12
C ARG A 21 38.05 1.39 -5.53
N ARG A 22 37.84 1.47 -4.22
CA ARG A 22 36.90 0.56 -3.58
C ARG A 22 35.48 0.77 -4.11
N ALA A 23 35.03 2.03 -4.17
CA ALA A 23 33.67 2.32 -4.63
C ALA A 23 33.47 1.93 -6.10
N ILE A 24 34.40 2.33 -6.97
CA ILE A 24 34.22 2.08 -8.41
C ILE A 24 34.20 0.58 -8.70
N ALA A 25 35.16 -0.17 -8.13
CA ALA A 25 35.14 -1.63 -8.30
C ALA A 25 33.91 -2.26 -7.66
N GLY A 26 33.48 -1.72 -6.52
CA GLY A 26 32.24 -2.19 -5.91
C GLY A 26 31.04 -2.03 -6.82
N ALA A 27 30.84 -0.83 -7.35
CA ALA A 27 29.75 -0.60 -8.29
C ALA A 27 29.86 -1.51 -9.51
N ALA A 28 31.09 -1.81 -9.96
CA ALA A 28 31.26 -2.73 -11.08
C ALA A 28 30.91 -4.18 -10.72
N ASP A 29 31.31 -4.64 -9.51
CA ASP A 29 30.89 -5.99 -9.09
C ASP A 29 29.38 -6.17 -9.12
N TYR A 30 28.62 -5.11 -8.86
CA TYR A 30 27.16 -5.18 -8.82
C TYR A 30 26.52 -4.84 -10.16
N GLY A 31 27.29 -4.83 -11.25
CA GLY A 31 26.75 -4.55 -12.56
C GLY A 31 25.98 -3.24 -12.68
N GLN A 32 26.44 -2.20 -12.00
CA GLN A 32 25.75 -0.93 -12.14
C GLN A 32 26.22 -0.23 -13.41
N ASP A 33 25.35 0.59 -14.01
CA ASP A 33 25.79 1.39 -15.14
C ASP A 33 26.52 2.64 -14.67
N PHE A 34 26.05 3.22 -13.56
CA PHE A 34 26.59 4.46 -13.00
C PHE A 34 27.00 4.27 -11.55
N ILE A 35 28.02 5.02 -11.16
CA ILE A 35 28.28 5.36 -9.77
C ILE A 35 28.03 6.85 -9.62
N GLU A 36 27.49 7.25 -8.48
CA GLU A 36 27.38 8.67 -8.16
C GLU A 36 28.49 9.04 -7.19
N ILE A 37 29.35 9.97 -7.61
CA ILE A 37 30.52 10.37 -6.86
C ILE A 37 30.22 11.69 -6.15
N PRO A 38 30.37 11.75 -4.82
CA PRO A 38 30.12 13.00 -4.11
C PRO A 38 31.39 13.84 -4.04
N LEU A 39 31.22 15.13 -4.29
CA LEU A 39 32.35 16.05 -4.31
C LEU A 39 32.31 16.81 -2.99
N VAL A 40 33.17 16.45 -2.06
CA VAL A 40 33.17 17.05 -0.73
C VAL A 40 34.34 18.01 -0.55
N ASP A 41 35.52 17.67 -1.07
CA ASP A 41 36.69 18.53 -0.95
C ASP A 41 37.35 18.71 -2.31
N LEU A 42 37.01 19.80 -3.00
CA LEU A 42 37.45 19.96 -4.39
C LEU A 42 38.96 20.03 -4.56
N PRO A 43 39.73 20.72 -3.70
CA PRO A 43 41.20 20.65 -3.84
C PRO A 43 41.78 19.24 -3.69
N SER A 44 41.08 18.32 -3.04
CA SER A 44 41.67 17.01 -2.75
C SER A 44 41.39 15.95 -3.81
N VAL A 45 40.39 16.11 -4.67
CA VAL A 45 40.05 15.05 -5.59
C VAL A 45 41.14 14.93 -6.66
N ASP A 46 41.58 13.69 -6.93
CA ASP A 46 42.45 13.40 -8.05
C ASP A 46 41.53 13.02 -9.22
N THR A 47 41.20 14.00 -10.06
CA THR A 47 40.21 13.73 -11.09
C THR A 47 40.75 12.78 -12.16
N ALA A 48 42.01 12.96 -12.56
CA ALA A 48 42.59 12.09 -13.57
C ALA A 48 42.56 10.65 -13.13
N HIS A 49 42.86 10.39 -11.86
CA HIS A 49 42.85 9.02 -11.35
C HIS A 49 41.45 8.41 -11.42
N THR A 50 40.44 9.18 -11.00
CA THR A 50 39.07 8.68 -11.08
C THR A 50 38.71 8.31 -12.50
N ARG A 51 39.03 9.19 -13.46
CA ARG A 51 38.71 8.94 -14.87
C ARG A 51 39.27 7.60 -15.33
N ALA A 52 40.55 7.35 -15.03
CA ALA A 52 41.17 6.11 -15.48
C ALA A 52 40.52 4.88 -14.85
N LEU A 53 40.09 4.98 -13.58
CA LEU A 53 39.42 3.84 -12.94
C LEU A 53 38.05 3.59 -13.56
N LEU A 54 37.31 4.67 -13.88
CA LEU A 54 36.02 4.55 -14.56
C LEU A 54 36.17 3.90 -15.92
N GLU A 55 37.17 4.32 -16.71
CA GLU A 55 37.39 3.67 -17.99
C GLU A 55 37.81 2.22 -17.80
N LYS A 56 38.69 1.95 -16.82
CA LYS A 56 39.13 0.58 -16.57
C LYS A 56 37.95 -0.35 -16.29
N TYR A 57 36.98 0.10 -15.51
CA TYR A 57 35.87 -0.77 -15.18
C TYR A 57 34.65 -0.59 -16.09
N GLY A 58 34.74 0.27 -17.10
CA GLY A 58 33.59 0.52 -17.96
C GLY A 58 32.41 1.13 -17.22
N LEU A 59 32.66 1.90 -16.19
CA LEU A 59 31.61 2.50 -15.37
C LEU A 59 31.42 3.96 -15.77
N ARG A 60 30.16 4.39 -15.83
CA ARG A 60 29.82 5.80 -16.03
C ARG A 60 29.54 6.46 -14.68
N ALA A 61 29.51 7.79 -14.67
CA ALA A 61 29.45 8.50 -13.41
C ALA A 61 28.63 9.78 -13.52
N ALA A 62 27.94 10.10 -12.42
CA ALA A 62 27.42 11.43 -12.12
C ALA A 62 28.08 11.92 -10.83
N CYS A 63 28.30 13.23 -10.74
CA CYS A 63 28.79 13.84 -9.52
C CYS A 63 27.65 14.50 -8.77
N SER A 64 27.76 14.56 -7.45
CA SER A 64 26.75 15.29 -6.67
C SER A 64 27.41 16.05 -5.51
N LEU A 65 26.72 17.08 -5.02
CA LEU A 65 27.26 17.86 -3.91
C LEU A 65 26.15 18.48 -3.07
N VAL A 66 26.55 19.00 -1.91
CA VAL A 66 25.78 19.95 -1.12
C VAL A 66 26.58 21.24 -1.01
N LEU A 67 25.96 22.37 -1.30
CA LEU A 67 26.65 23.64 -1.19
C LEU A 67 27.05 23.88 0.27
N PRO A 68 28.30 24.23 0.55
CA PRO A 68 28.66 24.65 1.91
C PRO A 68 28.08 26.03 2.19
N GLU A 69 27.87 26.30 3.48
CA GLU A 69 27.18 27.52 3.88
C GLU A 69 27.75 28.82 3.30
N PRO A 70 29.07 29.05 3.23
CA PRO A 70 29.56 30.29 2.58
C PRO A 70 29.09 30.45 1.14
N ALA A 71 28.57 29.39 0.52
CA ALA A 71 28.17 29.43 -0.87
C ALA A 71 26.67 29.22 -1.10
N TRP A 72 25.83 29.32 -0.08
CA TRP A 72 24.40 29.08 -0.30
C TRP A 72 23.82 30.12 -1.27
N ALA A 73 23.23 29.64 -2.37
CA ALA A 73 22.82 30.52 -3.45
C ALA A 73 21.74 31.52 -3.04
N SER A 74 20.95 31.20 -2.01
CA SER A 74 19.82 32.06 -1.67
C SER A 74 20.27 33.38 -1.09
N VAL A 75 21.45 33.40 -0.46
CA VAL A 75 21.93 34.58 0.24
C VAL A 75 23.25 35.07 -0.36
N ARG A 76 24.03 34.17 -0.97
CA ARG A 76 25.33 34.53 -1.54
C ARG A 76 25.48 33.93 -2.92
N PRO A 77 24.68 34.40 -3.90
CA PRO A 77 24.67 33.74 -5.22
C PRO A 77 26.00 33.80 -5.96
N GLU A 78 26.78 34.88 -5.83
CA GLU A 78 28.08 34.92 -6.48
C GLU A 78 29.00 33.83 -5.95
N ALA A 79 28.99 33.62 -4.63
CA ALA A 79 29.80 32.54 -4.06
C ALA A 79 29.30 31.17 -4.51
N ALA A 80 27.98 31.00 -4.66
CA ALA A 80 27.46 29.73 -5.15
C ALA A 80 27.98 29.40 -6.55
N VAL A 81 28.00 30.40 -7.44
CA VAL A 81 28.44 30.16 -8.81
C VAL A 81 29.90 29.75 -8.85
N ALA A 82 30.75 30.49 -8.13
CA ALA A 82 32.18 30.13 -8.11
C ALA A 82 32.38 28.69 -7.62
N HIS A 83 31.62 28.27 -6.60
CA HIS A 83 31.80 26.92 -6.09
C HIS A 83 31.24 25.88 -7.04
N LEU A 84 30.04 26.12 -7.57
CA LEU A 84 29.43 25.18 -8.52
C LEU A 84 30.27 25.04 -9.79
N ASN A 85 30.84 26.15 -10.27
CA ASN A 85 31.66 26.08 -11.47
C ASN A 85 32.93 25.27 -11.24
N ALA A 86 33.57 25.43 -10.06
CA ALA A 86 34.74 24.62 -9.76
C ALA A 86 34.36 23.15 -9.62
N ALA A 87 33.23 22.85 -8.98
CA ALA A 87 32.81 21.45 -8.88
C ALA A 87 32.55 20.87 -10.25
N LEU A 88 31.94 21.65 -11.14
CA LEU A 88 31.68 21.17 -12.50
C LEU A 88 32.99 20.89 -13.25
N ASP A 89 34.01 21.70 -13.03
CA ASP A 89 35.29 21.44 -13.68
C ASP A 89 35.87 20.11 -13.23
N LYS A 90 35.68 19.75 -11.95
CA LYS A 90 36.14 18.45 -11.48
C LYS A 90 35.33 17.33 -12.10
N ALA A 91 33.99 17.42 -12.04
CA ALA A 91 33.12 16.41 -12.65
C ALA A 91 33.51 16.13 -14.11
N ALA A 92 33.73 17.20 -14.90
CA ALA A 92 34.10 17.01 -16.31
C ALA A 92 35.45 16.35 -16.45
N GLU A 93 36.39 16.65 -15.54
CA GLU A 93 37.71 16.03 -15.61
C GLU A 93 37.63 14.55 -15.33
N MET A 94 36.79 14.15 -14.37
CA MET A 94 36.58 12.74 -14.07
C MET A 94 35.85 12.00 -15.18
N GLY A 95 35.25 12.71 -16.13
CA GLY A 95 34.40 12.06 -17.10
C GLY A 95 32.95 11.94 -16.71
N ALA A 96 32.53 12.58 -15.62
CA ALA A 96 31.11 12.52 -15.26
C ALA A 96 30.27 13.24 -16.32
N GLU A 97 28.99 12.90 -16.33
CA GLU A 97 28.03 13.41 -17.31
C GLU A 97 27.08 14.44 -16.72
N ALA A 98 27.14 14.66 -15.41
CA ALA A 98 26.23 15.61 -14.79
C ALA A 98 26.73 15.90 -13.38
N LEU A 99 26.28 17.05 -12.87
CA LEU A 99 26.40 17.42 -11.48
C LEU A 99 24.99 17.62 -10.94
N THR A 100 24.66 16.93 -9.85
CA THR A 100 23.31 16.98 -9.31
C THR A 100 23.40 17.11 -7.79
N GLY A 101 22.29 16.90 -7.10
CA GLY A 101 22.24 17.02 -5.65
C GLY A 101 21.66 18.35 -5.21
N VAL A 102 22.02 18.74 -3.98
CA VAL A 102 21.56 20.00 -3.42
C VAL A 102 22.44 21.12 -3.95
N THR A 103 22.22 21.52 -5.20
CA THR A 103 23.11 22.44 -5.90
C THR A 103 22.71 23.91 -5.71
N TYR A 104 21.76 24.19 -4.83
CA TYR A 104 21.17 25.51 -4.67
C TYR A 104 21.27 26.03 -3.25
N GLY A 105 21.71 25.21 -2.31
CA GLY A 105 21.76 25.60 -0.91
C GLY A 105 22.27 24.45 -0.09
N GLY A 106 21.93 24.44 1.20
CA GLY A 106 22.42 23.42 2.11
C GLY A 106 21.37 22.35 2.47
N THR A 107 21.82 21.38 3.27
CA THR A 107 20.93 20.40 3.85
C THR A 107 20.71 20.65 5.32
N SER A 108 21.14 21.80 5.82
CA SER A 108 20.83 22.27 7.16
C SER A 108 20.54 23.76 7.12
N GLU A 109 19.88 24.22 6.05
CA GLU A 109 19.63 25.63 5.77
C GLU A 109 18.20 26.00 6.16
N ARG A 110 18.07 26.98 7.05
CA ARG A 110 16.79 27.59 7.42
C ARG A 110 16.98 29.09 7.53
N THR A 111 15.94 29.86 7.20
CA THR A 111 15.88 31.26 7.63
C THR A 111 14.89 31.46 8.77
N GLY A 112 14.11 30.44 9.12
CA GLY A 112 13.04 30.58 10.07
C GLY A 112 11.75 31.08 9.46
N PHE A 113 11.74 31.39 8.17
CA PHE A 113 10.58 31.91 7.47
C PHE A 113 10.45 31.17 6.14
N PRO A 114 9.30 31.25 5.48
CA PRO A 114 9.16 30.60 4.17
C PRO A 114 10.07 31.28 3.16
N PRO A 115 10.29 30.65 2.00
CA PRO A 115 11.19 31.26 1.01
C PRO A 115 10.59 32.54 0.46
N THR A 116 11.39 33.60 0.41
CA THR A 116 10.98 34.88 -0.15
C THR A 116 11.35 34.96 -1.63
N GLN A 117 10.77 35.95 -2.30
CA GLN A 117 11.01 36.12 -3.73
C GLN A 117 12.47 36.50 -4.04
N ALA A 118 13.10 37.31 -3.19
CA ALA A 118 14.49 37.66 -3.48
C ALA A 118 15.42 36.45 -3.33
N GLU A 119 15.10 35.53 -2.43
CA GLU A 119 15.90 34.31 -2.34
C GLU A 119 15.80 33.48 -3.62
N TYR A 120 14.59 33.40 -4.21
CA TYR A 120 14.41 32.65 -5.46
C TYR A 120 15.03 33.38 -6.64
N ASP A 121 14.94 34.71 -6.66
CA ASP A 121 15.70 35.50 -7.64
C ASP A 121 17.15 35.07 -7.62
N ASN A 122 17.74 35.03 -6.42
CA ASN A 122 19.15 34.67 -6.25
C ASN A 122 19.43 33.27 -6.76
N LEU A 123 18.63 32.29 -6.32
CA LEU A 123 18.73 30.93 -6.83
C LEU A 123 18.67 30.90 -8.36
N THR A 124 17.66 31.55 -8.93
CA THR A 124 17.45 31.48 -10.37
C THR A 124 18.66 32.01 -11.13
N ARG A 125 19.23 33.12 -10.68
CA ARG A 125 20.33 33.68 -11.45
C ARG A 125 21.61 32.89 -11.25
N ALA A 126 21.86 32.43 -10.02
CA ALA A 126 23.03 31.62 -9.72
C ALA A 126 23.01 30.28 -10.49
N LEU A 127 21.87 29.59 -10.49
CA LEU A 127 21.81 28.33 -11.22
C LEU A 127 21.83 28.54 -12.73
N SER A 128 21.32 29.67 -13.21
CA SER A 128 21.36 29.88 -14.65
C SER A 128 22.80 30.15 -15.11
N GLN A 129 23.59 30.86 -14.30
CA GLN A 129 25.00 31.02 -14.61
C GLN A 129 25.71 29.66 -14.64
N SER A 130 25.56 28.89 -13.58
CA SER A 130 26.30 27.63 -13.50
C SER A 130 25.77 26.57 -14.46
N ALA A 131 24.47 26.55 -14.74
CA ALA A 131 24.00 25.61 -15.75
C ALA A 131 24.60 25.94 -17.12
N GLY A 132 24.76 27.23 -17.42
CA GLY A 132 25.48 27.60 -18.64
C GLY A 132 26.92 27.14 -18.66
N HIS A 133 27.65 27.35 -17.55
CA HIS A 133 29.01 26.83 -17.47
C HIS A 133 29.05 25.31 -17.66
N ALA A 134 28.11 24.59 -17.04
CA ALA A 134 28.03 23.14 -17.23
C ALA A 134 27.81 22.80 -18.70
N LYS A 135 27.00 23.60 -19.39
CA LYS A 135 26.75 23.37 -20.80
C LYS A 135 28.03 23.49 -21.63
N THR A 136 28.90 24.44 -21.29
CA THR A 136 30.15 24.56 -22.02
C THR A 136 31.03 23.33 -21.83
N LEU A 137 30.84 22.59 -20.74
CA LEU A 137 31.63 21.38 -20.52
C LEU A 137 30.92 20.12 -21.03
N GLY A 138 29.72 20.25 -21.58
CA GLY A 138 28.97 19.09 -22.01
C GLY A 138 28.27 18.34 -20.90
N LEU A 139 28.05 18.98 -19.76
CA LEU A 139 27.44 18.33 -18.61
C LEU A 139 26.02 18.85 -18.42
N GLN A 140 25.18 17.99 -17.86
CA GLN A 140 23.83 18.34 -17.44
C GLN A 140 23.85 18.75 -15.96
N PHE A 141 22.82 19.46 -15.56
CA PHE A 141 22.80 20.09 -14.25
C PHE A 141 21.49 19.71 -13.56
N GLY A 142 21.60 19.20 -12.35
CA GLY A 142 20.45 18.64 -11.66
C GLY A 142 20.10 19.42 -10.42
N ILE A 143 18.81 19.39 -10.08
CA ILE A 143 18.26 20.03 -8.87
C ILE A 143 17.49 18.97 -8.09
N GLU A 144 17.99 18.61 -6.89
CA GLU A 144 17.36 17.57 -6.07
C GLU A 144 16.50 18.25 -5.00
N ALA A 145 15.18 18.02 -5.06
CA ALA A 145 14.28 18.44 -3.99
C ALA A 145 14.53 17.60 -2.73
N VAL A 146 14.59 18.27 -1.57
CA VAL A 146 14.76 17.62 -0.28
C VAL A 146 13.67 18.11 0.68
N ASN A 147 13.53 17.40 1.81
CA ASN A 147 12.43 17.67 2.73
C ASN A 147 12.66 18.95 3.53
N ARG A 148 11.58 19.38 4.19
CA ARG A 148 11.50 20.70 4.84
C ARG A 148 12.46 20.86 6.01
N TYR A 149 13.00 19.77 6.55
CA TYR A 149 13.92 19.87 7.68
C TYR A 149 15.34 20.18 7.25
N GLU A 150 15.67 19.88 6.00
CA GLU A 150 17.00 20.09 5.45
C GLU A 150 17.12 21.41 4.74
N ASN A 151 16.01 21.87 4.15
CA ASN A 151 16.08 23.03 3.29
C ASN A 151 14.68 23.62 3.21
N HIS A 152 14.61 24.94 3.00
CA HIS A 152 13.33 25.63 2.95
C HIS A 152 13.01 26.14 1.55
N LEU A 153 13.83 25.83 0.55
CA LEU A 153 13.67 26.44 -0.77
C LEU A 153 13.06 25.51 -1.80
N VAL A 154 13.57 24.28 -1.94
CA VAL A 154 13.13 23.36 -2.99
C VAL A 154 12.74 22.07 -2.28
N ASN A 155 11.45 21.94 -1.95
CA ASN A 155 10.96 20.78 -1.20
C ASN A 155 10.16 19.79 -2.04
N SER A 156 9.32 20.28 -2.93
CA SER A 156 8.41 19.43 -3.69
C SER A 156 8.83 19.44 -5.16
N ALA A 157 8.36 18.41 -5.89
CA ALA A 157 8.68 18.35 -7.32
C ALA A 157 8.19 19.60 -8.04
N GLU A 158 6.98 20.04 -7.70
CA GLU A 158 6.43 21.24 -8.33
C GLU A 158 7.34 22.44 -8.16
N GLN A 159 7.92 22.62 -6.97
CA GLN A 159 8.83 23.73 -6.76
C GLN A 159 10.05 23.61 -7.65
N ALA A 160 10.66 22.42 -7.63
CA ALA A 160 11.78 22.11 -8.52
C ALA A 160 11.43 22.37 -9.98
N VAL A 161 10.24 21.92 -10.41
CA VAL A 161 9.82 22.13 -11.80
C VAL A 161 9.69 23.61 -12.10
N ALA A 162 9.03 24.36 -11.21
CA ALA A 162 8.82 25.78 -11.46
C ALA A 162 10.13 26.55 -11.51
N LEU A 163 11.14 26.09 -10.76
CA LEU A 163 12.45 26.72 -10.79
C LEU A 163 13.17 26.41 -12.11
N VAL A 164 13.07 25.18 -12.60
CA VAL A 164 13.64 24.85 -13.91
C VAL A 164 13.03 25.72 -14.99
N GLU A 165 11.71 25.83 -15.01
CA GLU A 165 11.06 26.62 -16.05
C GLU A 165 11.44 28.09 -15.95
N ARG A 166 11.65 28.61 -14.74
CA ARG A 166 12.12 29.98 -14.58
C ARG A 166 13.50 30.17 -15.20
N ILE A 167 14.42 29.24 -14.91
CA ILE A 167 15.79 29.35 -15.43
C ILE A 167 15.79 29.22 -16.94
N GLY A 168 14.97 28.34 -17.50
CA GLY A 168 14.85 28.27 -18.95
C GLY A 168 16.06 27.73 -19.68
N ALA A 169 16.94 27.01 -18.99
CA ALA A 169 18.00 26.26 -19.64
C ALA A 169 17.41 24.96 -20.20
N ASP A 170 18.13 24.38 -21.14
CA ASP A 170 17.71 23.10 -21.71
C ASP A 170 18.57 21.94 -21.25
N ASN A 171 19.57 22.18 -20.41
CA ASN A 171 20.41 21.13 -19.87
C ASN A 171 20.19 20.91 -18.37
N ILE A 172 19.11 21.45 -17.79
CA ILE A 172 18.81 21.25 -16.37
C ILE A 172 17.74 20.17 -16.22
N PHE A 173 17.96 19.22 -15.32
CA PHE A 173 16.97 18.21 -15.03
C PHE A 173 16.52 18.29 -13.57
N VAL A 174 15.32 17.76 -13.30
CA VAL A 174 14.80 17.61 -11.94
C VAL A 174 15.26 16.26 -11.38
N HIS A 175 15.61 16.24 -10.11
CA HIS A 175 16.11 15.04 -9.45
C HIS A 175 15.26 14.82 -8.20
N LEU A 176 14.62 13.64 -8.07
CA LEU A 176 13.77 13.34 -6.94
C LEU A 176 14.35 12.21 -6.07
N ASP A 177 13.96 12.22 -4.79
CA ASP A 177 14.53 11.32 -3.79
C ASP A 177 13.35 10.74 -3.02
N THR A 178 13.13 9.41 -3.12
CA THR A 178 11.90 8.83 -2.57
C THR A 178 11.82 8.96 -1.05
N PHE A 179 12.94 8.98 -0.35
CA PHE A 179 12.93 9.30 1.08
C PHE A 179 12.32 10.67 1.34
N HIS A 180 12.68 11.66 0.52
CA HIS A 180 12.16 13.02 0.69
C HIS A 180 10.73 13.16 0.15
N MET A 181 10.41 12.56 -1.00
CA MET A 181 9.04 12.61 -1.49
C MET A 181 8.07 11.93 -0.52
N ASN A 182 8.53 10.89 0.18
CA ASN A 182 7.71 10.23 1.17
C ASN A 182 7.18 11.20 2.22
N MET A 183 7.88 12.31 2.45
CA MET A 183 7.37 13.38 3.29
C MET A 183 6.72 14.50 2.50
N GLU A 184 7.29 14.89 1.37
CA GLU A 184 6.90 16.14 0.76
C GLU A 184 5.79 16.00 -0.27
N GLU A 185 5.58 14.83 -0.86
CA GLU A 185 4.61 14.72 -1.94
C GLU A 185 3.29 14.20 -1.39
N LYS A 186 2.20 14.84 -1.77
CA LYS A 186 0.85 14.44 -1.35
C LYS A 186 0.43 13.20 -2.15
N GLY A 187 0.90 12.04 -1.69
CA GLY A 187 0.92 10.86 -2.53
C GLY A 187 2.15 10.87 -3.42
N ILE A 188 3.09 9.95 -3.17
CA ILE A 188 4.44 10.09 -3.71
C ILE A 188 4.43 10.16 -5.24
N ALA A 189 3.56 9.39 -5.90
CA ALA A 189 3.56 9.41 -7.37
C ALA A 189 3.23 10.79 -7.92
N ASN A 190 2.51 11.63 -7.16
CA ASN A 190 2.22 12.98 -7.64
C ASN A 190 3.50 13.79 -7.87
N GLY A 191 4.57 13.50 -7.12
CA GLY A 191 5.83 14.17 -7.39
C GLY A 191 6.40 13.81 -8.75
N ILE A 192 6.43 12.50 -9.06
CA ILE A 192 6.93 12.04 -10.35
C ILE A 192 6.06 12.57 -11.48
N ILE A 193 4.74 12.61 -11.31
CA ILE A 193 3.87 13.09 -12.38
C ILE A 193 4.11 14.58 -12.63
N ALA A 194 4.27 15.37 -11.56
CA ALA A 194 4.49 16.79 -11.72
C ALA A 194 5.75 17.08 -12.54
N ALA A 195 6.77 16.24 -12.40
CA ALA A 195 8.08 16.44 -13.02
C ALA A 195 8.21 15.77 -14.37
N HIS A 196 7.11 15.30 -14.96
CA HIS A 196 7.19 14.36 -16.08
C HIS A 196 8.03 14.88 -17.25
N ASP A 197 8.16 16.20 -17.39
CA ASP A 197 8.93 16.76 -18.49
C ASP A 197 10.41 16.90 -18.18
N TYR A 198 10.79 16.92 -16.91
CA TYR A 198 12.17 17.22 -16.55
C TYR A 198 12.83 16.18 -15.67
N LEU A 199 12.14 15.10 -15.32
CA LEU A 199 12.66 14.12 -14.39
C LEU A 199 13.66 13.19 -15.10
N LYS A 200 14.93 13.24 -14.71
CA LYS A 200 15.93 12.41 -15.36
C LYS A 200 16.81 11.64 -14.39
N TYR A 201 16.59 11.80 -13.08
CA TYR A 201 17.43 11.18 -12.06
C TYR A 201 16.57 10.93 -10.82
N MET A 202 16.67 9.74 -10.24
CA MET A 202 16.03 9.42 -8.97
C MET A 202 17.06 8.92 -7.96
N HIS A 203 16.88 9.32 -6.71
CA HIS A 203 17.45 8.58 -5.58
C HIS A 203 16.40 7.60 -5.09
N MET A 204 16.69 6.30 -5.25
CA MET A 204 15.79 5.25 -4.81
C MET A 204 16.25 4.87 -3.42
N SER A 205 15.60 5.48 -2.42
CA SER A 205 16.00 5.39 -1.03
C SER A 205 14.80 5.02 -0.19
N GLU A 206 15.00 4.09 0.75
CA GLU A 206 13.90 3.65 1.61
C GLU A 206 13.57 4.73 2.65
N SER A 207 12.37 4.63 3.21
CA SER A 207 11.81 5.66 4.08
C SER A 207 12.68 5.94 5.30
N ASP A 208 13.57 5.00 5.68
CA ASP A 208 14.46 5.16 6.82
C ASP A 208 15.95 5.21 6.41
N ARG A 209 16.22 5.44 5.13
CA ARG A 209 17.56 5.36 4.53
C ARG A 209 18.18 3.97 4.70
N GLY A 210 17.35 2.94 4.96
CA GLY A 210 17.79 1.56 5.04
C GLY A 210 17.80 0.82 3.72
N THR A 211 17.03 -0.27 3.61
CA THR A 211 17.06 -1.11 2.43
C THR A 211 15.78 -0.96 1.63
N PRO A 212 15.85 -0.51 0.38
CA PRO A 212 14.64 -0.40 -0.44
C PRO A 212 13.87 -1.71 -0.48
N GLY A 213 12.56 -1.61 -0.30
CA GLY A 213 11.70 -2.75 -0.17
C GLY A 213 11.32 -3.06 1.26
N PHE A 214 11.95 -2.44 2.25
CA PHE A 214 11.70 -2.78 3.64
C PHE A 214 11.47 -1.51 4.46
N GLY A 215 10.52 -0.71 4.01
CA GLY A 215 10.16 0.45 4.79
C GLY A 215 8.78 0.92 4.42
N ASN A 216 8.60 2.23 4.28
CA ASN A 216 7.28 2.78 4.11
C ASN A 216 7.03 3.40 2.74
N VAL A 217 8.05 3.49 1.89
CA VAL A 217 7.88 4.02 0.54
C VAL A 217 6.97 3.09 -0.27
N ALA A 218 5.99 3.68 -0.97
CA ALA A 218 5.07 2.89 -1.79
C ALA A 218 5.68 2.64 -3.17
N TRP A 219 6.51 1.59 -3.23
CA TRP A 219 7.30 1.33 -4.44
C TRP A 219 6.42 1.08 -5.67
N ASP A 220 5.28 0.41 -5.50
CA ASP A 220 4.42 0.16 -6.65
C ASP A 220 3.88 1.47 -7.24
N ALA A 221 3.51 2.42 -6.39
CA ALA A 221 3.12 3.73 -6.89
C ALA A 221 4.29 4.42 -7.59
N VAL A 222 5.49 4.35 -7.01
CA VAL A 222 6.68 4.97 -7.61
C VAL A 222 6.93 4.42 -9.02
N PHE A 223 7.02 3.09 -9.12
CA PHE A 223 7.38 2.50 -10.40
C PHE A 223 6.26 2.66 -11.44
N ALA A 224 5.00 2.52 -11.02
CA ALA A 224 3.89 2.78 -11.94
C ALA A 224 4.03 4.15 -12.57
N ALA A 225 4.29 5.16 -11.73
CA ALA A 225 4.44 6.53 -12.19
C ALA A 225 5.66 6.66 -13.10
N LEU A 226 6.81 6.12 -12.70
CA LEU A 226 7.97 6.19 -13.58
C LEU A 226 7.68 5.54 -14.93
N ALA A 227 6.99 4.40 -14.92
CA ALA A 227 6.62 3.72 -16.16
C ALA A 227 5.69 4.57 -17.02
N ALA A 228 4.61 5.11 -16.41
CA ALA A 228 3.58 5.81 -17.17
C ALA A 228 4.05 7.11 -17.79
N ILE A 229 4.97 7.84 -17.15
CA ILE A 229 5.52 9.02 -17.80
C ILE A 229 6.68 8.68 -18.72
N GLY A 230 7.04 7.40 -18.83
CA GLY A 230 8.11 6.99 -19.72
C GLY A 230 9.47 7.49 -19.28
N PHE A 231 9.78 7.31 -17.99
CA PHE A 231 11.08 7.70 -17.44
C PHE A 231 12.22 7.13 -18.27
N LYS A 232 13.20 7.99 -18.60
CA LYS A 232 14.33 7.65 -19.46
C LYS A 232 15.69 7.94 -18.80
N GLY A 233 15.77 7.96 -17.47
CA GLY A 233 16.98 8.40 -16.78
C GLY A 233 17.72 7.38 -15.91
N VAL A 234 18.37 7.84 -14.82
CA VAL A 234 19.09 6.97 -13.89
C VAL A 234 18.28 6.73 -12.61
N LEU A 235 18.31 5.47 -12.13
CA LEU A 235 17.75 5.05 -10.84
C LEU A 235 18.92 4.70 -9.93
N THR A 236 19.28 5.61 -9.03
CA THR A 236 20.43 5.42 -8.16
C THR A 236 19.96 5.11 -6.74
N LEU A 237 20.48 4.02 -6.19
CA LEU A 237 20.20 3.66 -4.81
C LEU A 237 21.00 4.55 -3.87
N GLU A 238 20.33 5.01 -2.81
CA GLU A 238 20.98 5.77 -1.75
C GLU A 238 20.56 5.16 -0.42
N SER A 239 21.52 4.79 0.41
CA SER A 239 21.27 4.28 1.74
C SER A 239 22.41 4.74 2.65
N PHE A 240 22.15 4.78 3.96
CA PHE A 240 23.16 5.18 4.93
C PHE A 240 23.81 3.98 5.65
N ALA A 241 23.70 2.77 5.10
CA ALA A 241 24.16 1.56 5.80
C ALA A 241 25.67 1.56 6.07
N ALA A 242 26.47 2.19 5.22
CA ALA A 242 27.92 2.20 5.40
C ALA A 242 28.39 3.35 6.28
N MET A 243 27.50 4.22 6.71
CA MET A 243 27.90 5.43 7.41
C MET A 243 28.32 5.11 8.84
N PRO A 244 29.57 5.38 9.23
CA PRO A 244 29.99 5.12 10.61
C PRO A 244 29.33 6.09 11.57
N GLU A 245 29.48 5.79 12.87
CA GLU A 245 28.91 6.64 13.91
C GLU A 245 29.44 8.07 13.81
N GLU A 246 30.71 8.24 13.48
CA GLU A 246 31.34 9.55 13.47
C GLU A 246 30.70 10.50 12.46
N MET A 247 29.94 9.99 11.50
CA MET A 247 29.24 10.83 10.54
C MET A 247 27.87 11.26 11.01
N ALA A 248 27.46 10.87 12.23
CA ALA A 248 26.06 11.01 12.67
C ALA A 248 25.57 12.44 12.57
N GLY A 249 26.42 13.42 12.89
CA GLY A 249 26.00 14.81 12.85
C GLY A 249 25.72 15.29 11.44
N ALA A 250 26.59 14.91 10.48
CA ALA A 250 26.47 15.41 9.10
C ALA A 250 25.28 14.82 8.35
N ILE A 251 24.72 13.70 8.82
CA ILE A 251 23.57 13.08 8.17
C ILE A 251 22.36 13.00 9.10
N SER A 252 22.49 13.39 10.36
CA SER A 252 21.43 13.32 11.34
C SER A 252 20.77 11.94 11.34
N THR A 253 21.60 10.92 11.58
CA THR A 253 21.18 9.57 11.91
C THR A 253 21.93 9.14 13.16
N TRP A 254 21.19 8.66 14.17
CA TRP A 254 21.80 8.32 15.45
C TRP A 254 21.59 6.86 15.85
N ARG A 255 21.13 6.04 14.91
CA ARG A 255 20.78 4.64 15.04
C ARG A 255 21.26 4.01 13.74
N PRO A 256 21.82 2.79 13.79
CA PRO A 256 22.11 2.07 12.54
C PRO A 256 20.87 1.90 11.67
N VAL A 257 21.05 1.99 10.35
CA VAL A 257 19.91 1.96 9.45
C VAL A 257 19.59 0.57 8.91
N ALA A 258 20.45 -0.41 9.12
CA ALA A 258 20.34 -1.73 8.50
C ALA A 258 21.44 -2.60 9.10
N SER A 259 21.48 -3.86 8.67
CA SER A 259 22.49 -4.78 9.22
C SER A 259 23.89 -4.41 8.75
N GLY A 260 24.08 -4.30 7.43
CA GLY A 260 25.36 -3.92 6.85
C GLY A 260 25.17 -3.47 5.41
N ALA A 261 26.20 -2.80 4.89
CA ALA A 261 26.15 -2.36 3.50
C ALA A 261 25.98 -3.54 2.54
N ASP A 262 26.68 -4.64 2.81
CA ASP A 262 26.59 -5.82 1.94
C ASP A 262 25.16 -6.28 1.79
N GLU A 263 24.38 -6.22 2.87
CA GLU A 263 22.98 -6.61 2.82
C GLU A 263 22.15 -5.60 2.02
N VAL A 264 22.35 -4.30 2.28
CA VAL A 264 21.60 -3.30 1.53
C VAL A 264 21.89 -3.43 0.04
N LEU A 265 23.17 -3.52 -0.33
CA LEU A 265 23.56 -3.71 -1.72
C LEU A 265 22.89 -4.94 -2.34
N ASP A 266 23.11 -6.12 -1.73
CA ASP A 266 22.47 -7.36 -2.18
C ASP A 266 20.95 -7.22 -2.31
N LYS A 267 20.26 -7.00 -1.18
CA LYS A 267 18.80 -7.04 -1.17
C LYS A 267 18.17 -5.84 -1.87
N GLY A 268 18.75 -4.65 -1.70
CA GLY A 268 18.14 -3.46 -2.26
C GLY A 268 18.32 -3.33 -3.76
N LEU A 269 19.53 -3.58 -4.28
CA LEU A 269 19.70 -3.51 -5.73
C LEU A 269 18.88 -4.59 -6.43
N ALA A 270 18.69 -5.76 -5.80
CA ALA A 270 17.86 -6.78 -6.42
C ALA A 270 16.41 -6.34 -6.48
N PHE A 271 15.91 -5.77 -5.37
CA PHE A 271 14.53 -5.29 -5.32
C PHE A 271 14.25 -4.26 -6.42
N LEU A 272 15.09 -3.22 -6.51
CA LEU A 272 14.94 -2.21 -7.54
C LEU A 272 15.03 -2.82 -8.95
N ARG A 273 15.90 -3.83 -9.13
CA ARG A 273 16.00 -4.47 -10.44
C ARG A 273 14.74 -5.25 -10.75
N ASP A 274 14.15 -5.89 -9.73
CA ASP A 274 12.95 -6.69 -9.94
C ASP A 274 11.73 -5.81 -10.15
N LYS A 275 11.61 -4.73 -9.40
CA LYS A 275 10.49 -3.83 -9.65
C LYS A 275 10.64 -3.16 -11.01
N ALA A 276 11.87 -2.93 -11.46
CA ALA A 276 12.07 -2.31 -12.77
C ALA A 276 11.59 -3.23 -13.88
N SER A 277 11.85 -4.53 -13.72
CA SER A 277 11.43 -5.51 -14.70
C SER A 277 9.92 -5.66 -14.70
N GLN A 278 9.31 -5.78 -13.51
CA GLN A 278 7.85 -5.85 -13.40
C GLN A 278 7.15 -4.71 -14.14
N TYR A 279 7.66 -3.48 -14.01
CA TYR A 279 7.01 -2.33 -14.64
C TYR A 279 7.66 -1.92 -15.95
N ARG A 280 8.58 -2.73 -16.48
CA ARG A 280 9.13 -2.54 -17.83
C ARG A 280 9.83 -1.17 -17.97
N ILE A 281 10.62 -0.80 -16.98
CA ILE A 281 11.08 0.59 -16.87
C ILE A 281 11.92 1.01 -18.07
N PHE A 282 12.78 0.13 -18.56
CA PHE A 282 13.62 0.58 -19.67
C PHE A 282 13.26 -0.10 -20.99
N GLY A 283 12.06 -0.65 -21.10
CA GLY A 283 11.67 -1.37 -22.30
C GLY A 283 11.95 -2.85 -22.12
N MET B 1 -8.08 5.99 29.27
CA MET B 1 -8.23 6.91 28.14
C MET B 1 -8.55 6.19 26.83
N GLN B 2 -9.74 6.42 26.27
CA GLN B 2 -10.12 5.71 25.06
C GLN B 2 -11.14 6.53 24.29
N GLY B 3 -10.98 6.56 22.95
CA GLY B 3 -11.90 7.25 22.08
C GLY B 3 -11.17 8.09 21.06
N PHE B 4 -11.92 8.92 20.34
CA PHE B 4 -11.37 9.76 19.28
C PHE B 4 -11.04 11.15 19.81
N GLY B 5 -9.90 11.70 19.36
CA GLY B 5 -9.46 12.99 19.83
C GLY B 5 -9.08 13.89 18.66
N VAL B 6 -9.03 15.19 18.95
CA VAL B 6 -8.58 16.17 17.98
C VAL B 6 -7.66 17.15 18.69
N HIS B 7 -6.55 17.49 18.04
CA HIS B 7 -5.63 18.47 18.59
C HIS B 7 -6.20 19.88 18.46
N ALA B 8 -6.06 20.67 19.55
CA ALA B 8 -6.59 22.03 19.61
C ALA B 8 -6.06 22.94 18.51
N MET B 9 -4.85 22.65 17.98
CA MET B 9 -4.24 23.42 16.89
C MET B 9 -5.06 23.39 15.60
N MET B 10 -6.07 22.51 15.50
CA MET B 10 -7.01 22.64 14.39
C MET B 10 -7.73 23.98 14.44
N TRP B 11 -7.85 24.55 15.63
CA TRP B 11 -8.36 25.91 15.80
C TRP B 11 -7.29 26.83 16.37
N SER B 12 -6.86 26.61 17.60
CA SER B 12 -6.13 27.60 18.38
C SER B 12 -4.67 27.21 18.53
N LEU B 13 -3.79 28.20 18.39
CA LEU B 13 -2.40 28.03 18.78
C LEU B 13 -2.19 28.43 20.24
N ASN B 14 -2.82 29.52 20.67
CA ASN B 14 -2.77 29.94 22.06
C ASN B 14 -3.97 29.40 22.84
N TRP B 15 -3.86 29.51 24.15
CA TRP B 15 -4.94 29.06 25.00
C TRP B 15 -5.50 30.19 25.86
N ASP B 16 -5.75 31.35 25.25
CA ASP B 16 -6.47 32.39 25.95
C ASP B 16 -7.92 31.95 26.17
N HIS B 17 -8.72 32.82 26.76
CA HIS B 17 -10.07 32.42 27.14
C HIS B 17 -10.91 32.08 25.92
N GLU B 18 -10.90 32.95 24.91
CA GLU B 18 -11.72 32.71 23.72
C GLU B 18 -11.19 31.52 22.91
N SER B 19 -9.88 31.44 22.73
CA SER B 19 -9.28 30.33 21.99
C SER B 19 -9.70 28.99 22.57
N ALA B 20 -9.61 28.88 23.91
CA ALA B 20 -10.04 27.67 24.61
C ALA B 20 -11.49 27.33 24.28
N ARG B 21 -12.38 28.33 24.27
CA ARG B 21 -13.78 28.06 23.99
C ARG B 21 -13.99 27.64 22.54
N ARG B 22 -13.31 28.30 21.60
CA ARG B 22 -13.55 27.98 20.19
C ARG B 22 -13.07 26.58 19.86
N ALA B 23 -11.91 26.19 20.37
CA ALA B 23 -11.41 24.84 20.16
C ALA B 23 -12.31 23.80 20.82
N ILE B 24 -12.70 24.04 22.08
CA ILE B 24 -13.51 23.06 22.79
C ILE B 24 -14.88 22.91 22.13
N ALA B 25 -15.53 24.04 21.77
CA ALA B 25 -16.81 23.94 21.08
C ALA B 25 -16.67 23.19 19.76
N GLY B 26 -15.61 23.48 19.00
CA GLY B 26 -15.42 22.82 17.72
C GLY B 26 -15.26 21.32 17.86
N ALA B 27 -14.38 20.90 18.78
CA ALA B 27 -14.18 19.47 19.02
C ALA B 27 -15.49 18.78 19.41
N ALA B 28 -16.37 19.49 20.13
CA ALA B 28 -17.68 18.96 20.47
C ALA B 28 -18.63 18.95 19.26
N ASP B 29 -18.55 19.96 18.39
CA ASP B 29 -19.35 19.92 17.18
C ASP B 29 -18.97 18.75 16.27
N TYR B 30 -17.72 18.32 16.32
CA TYR B 30 -17.25 17.18 15.53
C TYR B 30 -17.35 15.88 16.30
N GLY B 31 -18.03 15.88 17.45
CA GLY B 31 -18.30 14.66 18.18
C GLY B 31 -17.06 13.91 18.64
N GLN B 32 -16.01 14.65 18.99
CA GLN B 32 -14.81 14.00 19.53
C GLN B 32 -15.00 13.63 21.00
N ASP B 33 -14.33 12.59 21.43
CA ASP B 33 -14.33 12.30 22.85
C ASP B 33 -13.27 13.10 23.59
N PHE B 34 -12.17 13.39 22.94
CA PHE B 34 -11.07 14.10 23.59
C PHE B 34 -10.66 15.30 22.76
N ILE B 35 -10.31 16.38 23.44
CA ILE B 35 -9.47 17.42 22.86
C ILE B 35 -8.11 17.32 23.52
N GLU B 36 -7.05 17.53 22.73
CA GLU B 36 -5.69 17.58 23.24
C GLU B 36 -5.27 19.05 23.31
N ILE B 37 -4.95 19.51 24.51
CA ILE B 37 -4.71 20.93 24.81
C ILE B 37 -3.22 21.16 24.95
N PRO B 38 -2.60 21.99 24.11
CA PRO B 38 -1.16 22.24 24.24
C PRO B 38 -0.86 23.26 25.33
N LEU B 39 0.17 22.98 26.11
CA LEU B 39 0.64 23.86 27.17
C LEU B 39 1.93 24.52 26.69
N VAL B 40 1.86 25.79 26.32
CA VAL B 40 3.02 26.51 25.81
C VAL B 40 3.47 27.61 26.77
N ASP B 41 2.54 28.29 27.41
CA ASP B 41 2.89 29.33 28.39
C ASP B 41 2.08 29.05 29.65
N LEU B 42 2.69 28.33 30.59
CA LEU B 42 1.97 27.86 31.77
C LEU B 42 1.31 28.98 32.56
N PRO B 43 1.97 30.11 32.87
CA PRO B 43 1.26 31.22 33.55
C PRO B 43 -0.02 31.66 32.86
N SER B 44 -0.12 31.54 31.53
CA SER B 44 -1.22 32.13 30.77
C SER B 44 -2.49 31.27 30.74
N VAL B 45 -2.45 30.04 31.26
CA VAL B 45 -3.62 29.18 31.15
C VAL B 45 -4.44 29.29 32.43
N ASP B 46 -5.74 29.57 32.28
CA ASP B 46 -6.67 29.64 33.39
C ASP B 46 -7.30 28.26 33.56
N THR B 47 -6.87 27.55 34.61
CA THR B 47 -7.27 26.15 34.77
C THR B 47 -8.77 26.03 35.08
N ALA B 48 -9.33 26.94 35.88
CA ALA B 48 -10.74 26.85 36.21
C ALA B 48 -11.62 27.14 35.01
N HIS B 49 -11.25 28.14 34.21
CA HIS B 49 -12.01 28.47 33.00
C HIS B 49 -12.02 27.29 32.03
N THR B 50 -10.90 26.58 31.88
CA THR B 50 -10.85 25.45 30.97
C THR B 50 -11.71 24.29 31.48
N ARG B 51 -11.68 24.03 32.79
CA ARG B 51 -12.49 22.96 33.36
C ARG B 51 -13.97 23.22 33.19
N ALA B 52 -14.39 24.47 33.35
CA ALA B 52 -15.78 24.84 33.12
C ALA B 52 -16.19 24.59 31.67
N LEU B 53 -15.36 25.02 30.73
CA LEU B 53 -15.64 24.82 29.31
C LEU B 53 -15.81 23.33 28.99
N LEU B 54 -14.84 22.50 29.41
CA LEU B 54 -14.96 21.06 29.21
C LEU B 54 -16.25 20.51 29.80
N GLU B 55 -16.61 20.96 31.00
CA GLU B 55 -17.86 20.49 31.60
C GLU B 55 -19.07 20.90 30.76
N LYS B 56 -19.11 22.16 30.31
CA LYS B 56 -20.21 22.62 29.46
C LYS B 56 -20.40 21.73 28.23
N TYR B 57 -19.32 21.34 27.58
CA TYR B 57 -19.43 20.62 26.32
C TYR B 57 -19.26 19.11 26.47
N GLY B 58 -19.25 18.58 27.71
CA GLY B 58 -19.11 17.16 27.92
C GLY B 58 -17.90 16.56 27.23
N LEU B 59 -16.75 17.21 27.38
CA LEU B 59 -15.53 16.79 26.71
C LEU B 59 -14.46 16.41 27.72
N ARG B 60 -13.67 15.42 27.36
CA ARG B 60 -12.48 15.05 28.11
C ARG B 60 -11.24 15.59 27.39
N ALA B 61 -10.10 15.49 28.07
CA ALA B 61 -8.93 16.21 27.58
C ALA B 61 -7.67 15.53 28.05
N ALA B 62 -6.63 15.68 27.22
CA ALA B 62 -5.26 15.47 27.65
C ALA B 62 -4.48 16.72 27.26
N CYS B 63 -3.39 16.97 27.97
CA CYS B 63 -2.47 18.05 27.65
C CYS B 63 -1.25 17.48 26.96
N SER B 64 -0.61 18.29 26.11
CA SER B 64 0.70 17.97 25.54
C SER B 64 1.60 19.20 25.65
N LEU B 65 2.91 18.96 25.55
CA LEU B 65 3.88 20.04 25.58
C LEU B 65 5.13 19.60 24.83
N VAL B 66 6.05 20.54 24.67
CA VAL B 66 7.43 20.28 24.31
C VAL B 66 8.30 21.06 25.29
N LEU B 67 9.30 20.38 25.87
CA LEU B 67 10.12 21.03 26.89
C LEU B 67 10.88 22.18 26.26
N PRO B 68 10.86 23.37 26.87
CA PRO B 68 11.70 24.46 26.37
C PRO B 68 13.17 24.17 26.66
N GLU B 69 14.05 24.70 25.81
CA GLU B 69 15.47 24.39 25.92
C GLU B 69 16.06 24.54 27.31
N PRO B 70 15.71 25.55 28.12
CA PRO B 70 16.26 25.58 29.48
C PRO B 70 15.84 24.40 30.34
N ALA B 71 14.82 23.64 29.91
CA ALA B 71 14.32 22.51 30.68
C ALA B 71 14.60 21.17 30.01
N TRP B 72 15.53 21.10 29.05
CA TRP B 72 15.77 19.83 28.37
C TRP B 72 16.35 18.82 29.36
N ALA B 73 15.69 17.65 29.46
CA ALA B 73 16.03 16.73 30.55
C ALA B 73 17.35 16.03 30.30
N SER B 74 17.84 16.01 29.06
CA SER B 74 19.10 15.33 28.76
C SER B 74 20.32 16.07 29.31
N VAL B 75 20.19 17.32 29.73
CA VAL B 75 21.35 18.06 30.23
C VAL B 75 21.03 18.78 31.54
N ARG B 76 19.75 19.10 31.74
CA ARG B 76 19.27 19.85 32.90
C ARG B 76 18.03 19.14 33.44
N PRO B 77 18.23 17.99 34.10
CA PRO B 77 17.07 17.19 34.51
C PRO B 77 16.27 17.82 35.62
N GLU B 78 16.90 18.62 36.49
CA GLU B 78 16.18 19.21 37.60
C GLU B 78 15.23 20.31 37.12
N ALA B 79 15.65 21.09 36.12
CA ALA B 79 14.75 22.06 35.50
C ALA B 79 13.61 21.37 34.77
N ALA B 80 13.86 20.19 34.20
CA ALA B 80 12.80 19.43 33.56
C ALA B 80 11.77 18.95 34.58
N VAL B 81 12.23 18.41 35.71
CA VAL B 81 11.32 17.93 36.74
C VAL B 81 10.45 19.08 37.25
N ALA B 82 11.04 20.26 37.43
CA ALA B 82 10.24 21.41 37.87
C ALA B 82 9.20 21.79 36.81
N HIS B 83 9.64 21.93 35.55
CA HIS B 83 8.72 22.35 34.49
C HIS B 83 7.64 21.31 34.24
N LEU B 84 7.98 20.02 34.27
CA LEU B 84 6.95 19.00 34.04
C LEU B 84 5.99 18.93 35.22
N ASN B 85 6.50 18.97 36.45
CA ASN B 85 5.62 19.01 37.61
C ASN B 85 4.68 20.20 37.55
N ALA B 86 5.21 21.37 37.18
CA ALA B 86 4.35 22.54 37.01
C ALA B 86 3.29 22.29 35.95
N ALA B 87 3.68 21.67 34.84
CA ALA B 87 2.72 21.37 33.78
C ALA B 87 1.65 20.38 34.25
N LEU B 88 2.06 19.34 34.99
CA LEU B 88 1.14 18.35 35.52
C LEU B 88 0.13 18.96 36.47
N ASP B 89 0.57 19.93 37.26
CA ASP B 89 -0.34 20.65 38.16
C ASP B 89 -1.46 21.32 37.37
N LYS B 90 -1.10 22.13 36.36
CA LYS B 90 -2.14 22.82 35.59
C LYS B 90 -2.94 21.86 34.73
N ALA B 91 -2.33 20.76 34.28
CA ALA B 91 -3.12 19.70 33.66
C ALA B 91 -4.18 19.15 34.63
N ALA B 92 -3.76 18.78 35.85
CA ALA B 92 -4.71 18.20 36.80
C ALA B 92 -5.75 19.20 37.27
N GLU B 93 -5.38 20.48 37.38
CA GLU B 93 -6.39 21.49 37.71
C GLU B 93 -7.39 21.65 36.58
N MET B 94 -6.96 21.42 35.34
CA MET B 94 -7.81 21.58 34.16
C MET B 94 -8.91 20.54 34.08
N GLY B 95 -8.78 19.43 34.80
CA GLY B 95 -9.57 18.25 34.54
C GLY B 95 -8.97 17.31 33.51
N ALA B 96 -7.77 17.61 32.99
CA ALA B 96 -7.15 16.69 32.04
C ALA B 96 -6.77 15.38 32.73
N GLU B 97 -6.55 14.34 31.92
CA GLU B 97 -6.25 13.02 32.44
C GLU B 97 -4.82 12.55 32.18
N ALA B 98 -4.07 13.26 31.35
CA ALA B 98 -2.70 12.87 31.06
C ALA B 98 -1.96 14.10 30.54
N LEU B 99 -0.64 14.09 30.72
CA LEU B 99 0.27 14.99 30.02
C LEU B 99 1.12 14.13 29.09
N THR B 100 1.21 14.52 27.81
CA THR B 100 2.00 13.73 26.89
C THR B 100 2.76 14.68 25.94
N GLY B 101 3.33 14.12 24.89
CA GLY B 101 4.09 14.91 23.92
C GLY B 101 5.58 14.67 24.07
N VAL B 102 6.37 15.70 23.75
CA VAL B 102 7.82 15.58 23.83
C VAL B 102 8.20 16.03 25.25
N THR B 103 7.79 15.23 26.22
CA THR B 103 7.97 15.54 27.63
C THR B 103 9.39 15.28 28.12
N TYR B 104 10.30 14.91 27.22
CA TYR B 104 11.64 14.51 27.58
C TYR B 104 12.72 15.38 26.96
N GLY B 105 12.36 16.35 26.14
CA GLY B 105 13.36 17.16 25.46
C GLY B 105 12.68 18.11 24.49
N GLY B 106 13.43 18.51 23.46
CA GLY B 106 12.99 19.49 22.51
C GLY B 106 12.66 18.89 21.16
N THR B 107 12.10 19.72 20.28
CA THR B 107 11.88 19.37 18.89
C THR B 107 12.86 20.07 17.97
N SER B 108 13.91 20.66 18.52
CA SER B 108 15.09 21.02 17.75
C SER B 108 16.34 20.70 18.54
N GLU B 109 16.32 19.58 19.26
CA GLU B 109 17.43 19.18 20.12
C GLU B 109 18.36 18.25 19.36
N ARG B 110 19.60 18.69 19.15
CA ARG B 110 20.69 17.88 18.61
C ARG B 110 21.95 18.09 19.46
N THR B 111 22.71 17.02 19.71
CA THR B 111 24.09 17.20 20.16
C THR B 111 25.09 17.09 19.02
N GLY B 112 24.69 16.57 17.87
CA GLY B 112 25.61 16.25 16.80
C GLY B 112 26.17 14.85 16.86
N PHE B 113 25.97 14.15 17.97
CA PHE B 113 26.47 12.81 18.22
C PHE B 113 25.32 11.90 18.61
N PRO B 114 25.49 10.59 18.51
CA PRO B 114 24.45 9.67 18.94
C PRO B 114 24.16 9.86 20.42
N PRO B 115 22.94 9.53 20.87
CA PRO B 115 22.60 9.74 22.27
C PRO B 115 23.46 8.89 23.19
N THR B 116 23.91 9.49 24.28
CA THR B 116 24.83 8.87 25.23
C THR B 116 24.06 8.29 26.42
N GLN B 117 24.75 7.42 27.16
CA GLN B 117 24.19 6.84 28.36
C GLN B 117 24.01 7.85 29.48
N ALA B 118 24.89 8.86 29.58
CA ALA B 118 24.66 9.91 30.58
C ALA B 118 23.40 10.69 30.28
N GLU B 119 23.10 10.90 29.00
CA GLU B 119 21.86 11.60 28.63
C GLU B 119 20.65 10.76 29.02
N TYR B 120 20.64 9.48 28.66
CA TYR B 120 19.52 8.62 29.02
C TYR B 120 19.42 8.42 30.53
N ASP B 121 20.53 8.58 31.25
CA ASP B 121 20.45 8.55 32.71
C ASP B 121 19.71 9.77 33.25
N ASN B 122 20.00 10.95 32.70
CA ASN B 122 19.29 12.15 33.13
C ASN B 122 17.82 12.07 32.77
N LEU B 123 17.51 11.57 31.58
CA LEU B 123 16.11 11.41 31.19
C LEU B 123 15.39 10.48 32.15
N THR B 124 16.01 9.33 32.44
CA THR B 124 15.38 8.36 33.33
C THR B 124 15.12 8.95 34.70
N ARG B 125 16.07 9.71 35.25
CA ARG B 125 15.85 10.28 36.58
C ARG B 125 14.86 11.43 36.53
N ALA B 126 14.87 12.20 35.45
CA ALA B 126 13.91 13.30 35.34
C ALA B 126 12.48 12.78 35.18
N LEU B 127 12.25 11.87 34.23
CA LEU B 127 10.91 11.37 33.98
C LEU B 127 10.40 10.52 35.15
N SER B 128 11.31 9.83 35.83
CA SER B 128 10.90 9.00 36.96
C SER B 128 10.22 9.85 38.04
N GLN B 129 10.80 11.01 38.35
CA GLN B 129 10.26 11.82 39.42
C GLN B 129 8.96 12.52 39.02
N SER B 130 8.82 12.87 37.74
CA SER B 130 7.65 13.65 37.35
C SER B 130 6.43 12.74 37.18
N ALA B 131 6.61 11.63 36.48
CA ALA B 131 5.58 10.59 36.46
C ALA B 131 5.15 10.20 37.87
N GLY B 132 6.11 10.13 38.80
CA GLY B 132 5.75 9.98 40.20
C GLY B 132 4.83 11.09 40.66
N HIS B 133 5.18 12.34 40.38
CA HIS B 133 4.31 13.45 40.70
C HIS B 133 2.98 13.34 39.96
N ALA B 134 3.02 12.84 38.73
CA ALA B 134 1.77 12.60 38.01
C ALA B 134 0.93 11.56 38.72
N LYS B 135 1.58 10.53 39.26
CA LYS B 135 0.86 9.48 39.96
C LYS B 135 0.15 10.00 41.20
N THR B 136 0.82 10.87 41.98
CA THR B 136 0.15 11.44 43.15
C THR B 136 -1.09 12.22 42.75
N LEU B 137 -1.08 12.83 41.56
CA LEU B 137 -2.25 13.56 41.05
C LEU B 137 -3.21 12.67 40.28
N GLY B 138 -2.93 11.37 40.17
CA GLY B 138 -3.78 10.48 39.39
C GLY B 138 -3.73 10.66 37.90
N LEU B 139 -2.74 11.37 37.37
CA LEU B 139 -2.58 11.56 35.92
C LEU B 139 -1.72 10.47 35.32
N GLN B 140 -1.88 10.27 34.02
CA GLN B 140 -0.93 9.47 33.27
C GLN B 140 0.09 10.36 32.57
N PHE B 141 1.24 9.75 32.23
CA PHE B 141 2.41 10.44 31.70
C PHE B 141 2.82 9.79 30.39
N GLY B 142 2.84 10.57 29.29
CA GLY B 142 3.18 10.06 27.99
C GLY B 142 4.52 10.52 27.43
N ILE B 143 5.08 9.72 26.52
CA ILE B 143 6.36 10.02 25.85
C ILE B 143 6.11 9.83 24.35
N GLU B 144 6.15 10.93 23.59
CA GLU B 144 5.93 10.88 22.14
C GLU B 144 7.27 10.76 21.41
N ALA B 145 7.43 9.68 20.64
CA ALA B 145 8.62 9.52 19.80
C ALA B 145 8.50 10.39 18.56
N VAL B 146 9.57 11.10 18.21
CA VAL B 146 9.55 11.99 17.05
C VAL B 146 10.76 11.68 16.17
N ASN B 147 10.76 12.25 14.97
CA ASN B 147 11.75 11.86 13.99
C ASN B 147 13.13 12.46 14.28
N ARG B 148 14.14 11.89 13.61
CA ARG B 148 15.54 12.23 13.85
C ARG B 148 15.87 13.71 13.59
N TYR B 149 15.05 14.44 12.84
CA TYR B 149 15.39 15.84 12.62
C TYR B 149 15.04 16.70 13.83
N GLU B 150 14.16 16.22 14.70
CA GLU B 150 13.64 17.02 15.80
C GLU B 150 14.36 16.73 17.10
N ASN B 151 14.76 15.48 17.32
CA ASN B 151 15.32 15.06 18.58
C ASN B 151 16.28 13.92 18.29
N HIS B 152 17.29 13.76 19.14
CA HIS B 152 18.24 12.67 18.95
C HIS B 152 18.10 11.54 19.98
N LEU B 153 17.11 11.60 20.87
CA LEU B 153 17.00 10.69 22.00
C LEU B 153 15.93 9.61 21.84
N VAL B 154 14.73 9.95 21.36
CA VAL B 154 13.59 9.02 21.28
C VAL B 154 12.99 9.13 19.88
N ASN B 155 13.39 8.22 18.99
CA ASN B 155 12.94 8.28 17.59
C ASN B 155 11.99 7.15 17.21
N SER B 156 12.32 5.93 17.57
CA SER B 156 11.56 4.76 17.24
C SER B 156 10.71 4.34 18.45
N ALA B 157 9.67 3.55 18.18
CA ALA B 157 8.89 2.97 19.26
C ALA B 157 9.75 2.13 20.21
N GLU B 158 10.74 1.40 19.66
CA GLU B 158 11.61 0.57 20.49
C GLU B 158 12.34 1.38 21.53
N GLN B 159 12.82 2.58 21.18
CA GLN B 159 13.54 3.39 22.16
C GLN B 159 12.60 3.93 23.23
N ALA B 160 11.39 4.35 22.83
CA ALA B 160 10.40 4.77 23.81
C ALA B 160 10.05 3.63 24.76
N VAL B 161 9.85 2.42 24.23
CA VAL B 161 9.55 1.29 25.10
C VAL B 161 10.69 1.05 26.09
N ALA B 162 11.93 1.04 25.60
CA ALA B 162 13.07 0.76 26.47
C ALA B 162 13.19 1.80 27.59
N LEU B 163 12.87 3.07 27.28
CA LEU B 163 12.83 4.09 28.31
C LEU B 163 11.76 3.80 29.36
N VAL B 164 10.52 3.55 28.91
CA VAL B 164 9.41 3.27 29.83
C VAL B 164 9.76 2.07 30.73
N GLU B 165 10.28 1.00 30.12
CA GLU B 165 10.61 -0.21 30.89
C GLU B 165 11.69 0.04 31.93
N ARG B 166 12.61 0.98 31.68
CA ARG B 166 13.66 1.24 32.66
C ARG B 166 13.15 2.03 33.86
N ILE B 167 12.24 2.98 33.63
CA ILE B 167 11.66 3.77 34.73
C ILE B 167 10.80 2.89 35.62
N GLY B 168 9.99 2.00 35.02
CA GLY B 168 9.19 1.05 35.78
C GLY B 168 7.89 1.57 36.35
N ALA B 169 7.39 2.70 35.86
CA ALA B 169 6.18 3.32 36.40
C ALA B 169 4.99 2.92 35.55
N ASP B 170 4.01 2.28 36.17
CA ASP B 170 2.86 1.79 35.39
C ASP B 170 2.01 2.92 34.80
N ASN B 171 2.21 4.18 35.22
CA ASN B 171 1.42 5.29 34.72
C ASN B 171 2.10 6.08 33.59
N ILE B 172 3.21 5.56 33.03
CA ILE B 172 3.85 6.13 31.84
C ILE B 172 3.46 5.29 30.64
N PHE B 173 3.05 5.92 29.55
CA PHE B 173 2.64 5.19 28.35
C PHE B 173 3.43 5.69 27.15
N VAL B 174 3.49 4.85 26.12
CA VAL B 174 4.17 5.23 24.89
C VAL B 174 3.17 5.87 23.95
N HIS B 175 3.59 6.97 23.33
CA HIS B 175 2.78 7.80 22.46
C HIS B 175 3.47 7.85 21.10
N LEU B 176 2.78 7.39 20.04
CA LEU B 176 3.38 7.35 18.71
C LEU B 176 2.64 8.28 17.74
N ASP B 177 3.34 8.66 16.67
CA ASP B 177 2.89 9.67 15.72
C ASP B 177 3.11 9.15 14.31
N THR B 178 2.04 8.90 13.54
CA THR B 178 2.19 8.29 12.21
C THR B 178 3.06 9.12 11.27
N PHE B 179 3.09 10.45 11.45
CA PHE B 179 4.00 11.26 10.63
C PHE B 179 5.46 10.91 10.90
N HIS B 180 5.83 10.74 12.18
CA HIS B 180 7.19 10.37 12.56
C HIS B 180 7.51 8.89 12.36
N MET B 181 6.53 8.00 12.59
CA MET B 181 6.76 6.59 12.29
C MET B 181 7.05 6.38 10.81
N ASN B 182 6.44 7.19 9.94
CA ASN B 182 6.61 7.04 8.50
C ASN B 182 8.08 7.15 8.11
N MET B 183 8.86 7.89 8.89
CA MET B 183 10.29 7.98 8.69
C MET B 183 11.07 6.99 9.56
N GLU B 184 10.67 6.79 10.81
CA GLU B 184 11.52 6.09 11.77
C GLU B 184 11.31 4.56 11.83
N GLU B 185 10.09 4.06 11.57
CA GLU B 185 9.81 2.64 11.76
C GLU B 185 10.06 1.89 10.46
N LYS B 186 10.75 0.75 10.58
CA LYS B 186 11.05 -0.09 9.42
C LYS B 186 9.79 -0.87 9.06
N GLY B 187 8.87 -0.19 8.37
CA GLY B 187 7.49 -0.64 8.28
C GLY B 187 6.68 -0.09 9.45
N ILE B 188 5.79 0.87 9.16
CA ILE B 188 5.17 1.66 10.21
C ILE B 188 4.51 0.78 11.27
N ALA B 189 3.87 -0.32 10.83
CA ALA B 189 3.19 -1.20 11.77
C ALA B 189 4.15 -1.80 12.81
N ASN B 190 5.44 -1.92 12.47
CA ASN B 190 6.40 -2.44 13.43
C ASN B 190 6.58 -1.51 14.61
N GLY B 191 6.32 -0.21 14.43
CA GLY B 191 6.31 0.68 15.59
C GLY B 191 5.19 0.35 16.55
N ILE B 192 4.03 0.02 16.01
CA ILE B 192 2.86 -0.27 16.83
C ILE B 192 3.02 -1.62 17.52
N ILE B 193 3.58 -2.61 16.82
CA ILE B 193 3.79 -3.92 17.41
C ILE B 193 4.84 -3.84 18.54
N ALA B 194 5.92 -3.09 18.33
CA ALA B 194 6.92 -2.94 19.39
C ALA B 194 6.30 -2.30 20.63
N ALA B 195 5.45 -1.28 20.44
CA ALA B 195 4.85 -0.60 21.59
C ALA B 195 3.89 -1.51 22.33
N HIS B 196 3.04 -2.24 21.60
CA HIS B 196 2.04 -3.16 22.15
C HIS B 196 1.27 -2.58 23.33
N ASP B 197 1.37 -3.21 24.49
CA ASP B 197 0.55 -2.82 25.63
C ASP B 197 0.99 -1.52 26.28
N TYR B 198 2.15 -0.96 25.92
CA TYR B 198 2.50 0.37 26.40
C TYR B 198 1.86 1.50 25.58
N LEU B 199 1.31 1.17 24.41
CA LEU B 199 0.82 2.18 23.47
C LEU B 199 -0.58 2.61 23.88
N LYS B 200 -0.74 3.88 24.29
CA LYS B 200 -2.04 4.31 24.79
C LYS B 200 -2.52 5.61 24.15
N TYR B 201 -1.81 6.13 23.16
CA TYR B 201 -2.11 7.41 22.55
C TYR B 201 -1.43 7.47 21.19
N MET B 202 -2.18 7.89 20.16
CA MET B 202 -1.65 8.04 18.81
C MET B 202 -1.93 9.45 18.31
N HIS B 203 -0.94 10.04 17.64
CA HIS B 203 -1.20 11.14 16.71
C HIS B 203 -1.39 10.51 15.35
N MET B 204 -2.60 10.57 14.83
CA MET B 204 -2.93 10.15 13.47
C MET B 204 -2.72 11.36 12.57
N SER B 205 -1.62 11.35 11.84
CA SER B 205 -1.17 12.51 11.07
C SER B 205 -0.74 12.04 9.69
N GLU B 206 -1.21 12.70 8.64
CA GLU B 206 -0.76 12.36 7.29
C GLU B 206 0.74 12.60 7.16
N SER B 207 1.31 12.15 6.03
CA SER B 207 2.76 12.12 5.87
C SER B 207 3.33 13.49 5.56
N ASP B 208 2.47 14.41 5.11
CA ASP B 208 2.81 15.80 4.85
C ASP B 208 2.17 16.72 5.88
N ARG B 209 1.65 16.18 6.99
CA ARG B 209 0.91 16.93 8.01
C ARG B 209 -0.41 17.52 7.47
N GLY B 210 -0.93 16.99 6.35
CA GLY B 210 -2.21 17.43 5.81
C GLY B 210 -3.43 16.63 6.25
N THR B 211 -4.14 16.00 5.29
CA THR B 211 -5.38 15.29 5.57
C THR B 211 -5.15 13.79 5.62
N PRO B 212 -5.36 13.13 6.75
CA PRO B 212 -5.27 11.66 6.78
C PRO B 212 -6.17 11.04 5.71
N GLY B 213 -5.61 10.07 4.97
CA GLY B 213 -6.26 9.50 3.80
C GLY B 213 -5.71 9.97 2.47
N PHE B 214 -4.88 11.02 2.46
CA PHE B 214 -4.44 11.66 1.23
C PHE B 214 -2.93 11.93 1.28
N GLY B 215 -2.15 10.86 1.41
CA GLY B 215 -0.72 11.00 1.51
C GLY B 215 -0.01 9.68 1.46
N ASN B 216 1.02 9.48 2.28
CA ASN B 216 1.86 8.30 2.15
C ASN B 216 1.82 7.37 3.35
N VAL B 217 1.04 7.69 4.39
CA VAL B 217 0.92 6.76 5.50
C VAL B 217 0.11 5.56 5.03
N ALA B 218 0.56 4.37 5.41
CA ALA B 218 -0.12 3.12 5.03
C ALA B 218 -1.16 2.81 6.10
N TRP B 219 -2.34 3.44 5.95
CA TRP B 219 -3.31 3.47 7.05
C TRP B 219 -3.86 2.08 7.32
N ASP B 220 -3.88 1.22 6.29
CA ASP B 220 -4.32 -0.15 6.50
C ASP B 220 -3.35 -0.92 7.40
N ALA B 221 -2.04 -0.77 7.16
CA ALA B 221 -1.04 -1.37 8.04
C ALA B 221 -1.17 -0.84 9.46
N VAL B 222 -1.39 0.48 9.61
CA VAL B 222 -1.53 1.10 10.92
C VAL B 222 -2.75 0.55 11.65
N PHE B 223 -3.89 0.52 10.97
CA PHE B 223 -5.11 0.06 11.65
C PHE B 223 -5.11 -1.45 11.81
N ALA B 224 -4.50 -2.18 10.86
CA ALA B 224 -4.25 -3.61 11.08
C ALA B 224 -3.56 -3.84 12.41
N ALA B 225 -2.49 -3.09 12.68
CA ALA B 225 -1.66 -3.40 13.84
C ALA B 225 -2.30 -2.93 15.13
N LEU B 226 -2.89 -1.72 15.13
CA LEU B 226 -3.65 -1.28 16.29
C LEU B 226 -4.74 -2.27 16.65
N ALA B 227 -5.43 -2.82 15.64
CA ALA B 227 -6.49 -3.79 15.93
C ALA B 227 -5.90 -5.09 16.47
N ALA B 228 -4.81 -5.56 15.87
CA ALA B 228 -4.24 -6.84 16.27
C ALA B 228 -3.64 -6.80 17.69
N ILE B 229 -3.13 -5.65 18.14
CA ILE B 229 -2.63 -5.57 19.51
C ILE B 229 -3.72 -5.24 20.53
N GLY B 230 -4.96 -5.03 20.08
CA GLY B 230 -6.04 -4.70 21.00
C GLY B 230 -5.96 -3.28 21.56
N PHE B 231 -5.72 -2.30 20.67
CA PHE B 231 -5.51 -0.93 21.13
C PHE B 231 -6.76 -0.36 21.76
N LYS B 232 -6.65 0.20 22.95
CA LYS B 232 -7.80 0.87 23.57
C LYS B 232 -7.42 2.24 24.15
N GLY B 233 -6.52 2.98 23.50
CA GLY B 233 -6.18 4.33 23.90
C GLY B 233 -6.92 5.38 23.10
N VAL B 234 -6.27 6.56 22.91
CA VAL B 234 -6.86 7.68 22.18
C VAL B 234 -6.21 7.79 20.80
N LEU B 235 -7.03 8.03 19.76
CA LEU B 235 -6.62 8.31 18.39
C LEU B 235 -6.88 9.80 18.12
N THR B 236 -5.82 10.62 18.11
CA THR B 236 -5.98 12.07 18.01
C THR B 236 -5.46 12.58 16.66
N LEU B 237 -6.36 13.23 15.90
CA LEU B 237 -5.95 13.89 14.67
C LEU B 237 -4.97 15.02 14.97
N GLU B 238 -3.79 14.96 14.33
CA GLU B 238 -2.80 16.04 14.37
C GLU B 238 -2.53 16.51 12.94
N SER B 239 -2.81 17.79 12.69
CA SER B 239 -2.60 18.38 11.37
C SER B 239 -2.15 19.83 11.53
N PHE B 240 -1.43 20.34 10.53
CA PHE B 240 -0.92 21.71 10.52
C PHE B 240 -1.74 22.66 9.61
N ALA B 241 -2.95 22.26 9.21
CA ALA B 241 -3.71 23.01 8.21
C ALA B 241 -4.18 24.39 8.68
N ALA B 242 -4.32 24.63 9.99
CA ALA B 242 -4.73 25.93 10.49
C ALA B 242 -3.54 26.80 10.95
N MET B 243 -2.30 26.34 10.80
CA MET B 243 -1.12 27.10 11.24
C MET B 243 -0.88 28.32 10.35
N PRO B 244 -0.87 29.53 10.91
CA PRO B 244 -0.52 30.71 10.11
C PRO B 244 0.94 30.68 9.65
N GLU B 245 1.22 31.46 8.61
CA GLU B 245 2.58 31.59 8.08
C GLU B 245 3.59 32.04 9.13
N GLU B 246 3.14 32.73 10.18
CA GLU B 246 4.06 33.13 11.25
C GLU B 246 4.68 31.92 11.94
N MET B 247 3.88 30.89 12.21
CA MET B 247 4.35 29.69 12.92
C MET B 247 5.38 28.90 12.14
N ALA B 248 5.70 29.33 10.91
CA ALA B 248 6.54 28.54 10.01
C ALA B 248 7.78 28.01 10.71
N GLY B 249 8.57 28.90 11.33
CA GLY B 249 9.84 28.50 11.91
C GLY B 249 9.74 27.50 13.06
N ALA B 250 8.69 27.61 13.88
CA ALA B 250 8.53 26.69 15.01
C ALA B 250 8.19 25.27 14.57
N ILE B 251 7.57 25.10 13.41
CA ILE B 251 7.11 23.78 12.97
C ILE B 251 7.79 23.31 11.69
N SER B 252 8.77 24.07 11.17
CA SER B 252 9.54 23.70 9.97
C SER B 252 8.62 23.45 8.78
N THR B 253 7.58 24.28 8.64
CA THR B 253 6.61 24.15 7.55
C THR B 253 6.58 25.44 6.76
N TRP B 254 6.93 25.35 5.48
CA TRP B 254 7.27 26.53 4.69
C TRP B 254 6.22 26.87 3.64
N ARG B 255 5.21 26.02 3.44
CA ARG B 255 4.23 26.20 2.40
C ARG B 255 2.95 25.52 2.86
N PRO B 256 1.78 25.92 2.34
CA PRO B 256 0.53 25.37 2.87
C PRO B 256 0.51 23.84 2.81
N VAL B 257 -0.02 23.25 3.87
CA VAL B 257 -0.04 21.81 4.00
C VAL B 257 -1.34 21.20 3.49
N ALA B 258 -2.42 21.99 3.46
CA ALA B 258 -3.72 21.53 3.00
C ALA B 258 -4.50 22.73 2.53
N SER B 259 -5.69 22.47 1.98
CA SER B 259 -6.52 23.56 1.46
C SER B 259 -7.05 24.43 2.59
N GLY B 260 -7.39 23.81 3.71
CA GLY B 260 -7.85 24.56 4.86
C GLY B 260 -8.20 23.62 5.97
N ALA B 261 -8.26 24.19 7.17
CA ALA B 261 -8.58 23.40 8.35
C ALA B 261 -9.99 22.82 8.31
N ASP B 262 -10.93 23.51 7.65
CA ASP B 262 -12.27 22.98 7.51
C ASP B 262 -12.25 21.64 6.77
N GLU B 263 -11.56 21.59 5.63
CA GLU B 263 -11.47 20.35 4.87
C GLU B 263 -10.82 19.24 5.69
N VAL B 264 -9.79 19.58 6.47
CA VAL B 264 -9.07 18.56 7.21
C VAL B 264 -9.94 17.97 8.32
N LEU B 265 -10.73 18.79 9.02
CA LEU B 265 -11.63 18.25 10.03
C LEU B 265 -12.75 17.43 9.41
N ASP B 266 -13.41 17.96 8.37
CA ASP B 266 -14.48 17.22 7.71
C ASP B 266 -13.98 15.84 7.27
N LYS B 267 -12.96 15.82 6.40
CA LYS B 267 -12.57 14.57 5.76
C LYS B 267 -11.63 13.72 6.61
N GLY B 268 -10.74 14.37 7.36
CA GLY B 268 -9.75 13.62 8.12
C GLY B 268 -10.32 12.93 9.35
N LEU B 269 -11.23 13.61 10.06
CA LEU B 269 -11.90 12.96 11.17
C LEU B 269 -12.82 11.83 10.69
N ALA B 270 -13.52 12.03 9.57
CA ALA B 270 -14.41 10.97 9.09
C ALA B 270 -13.61 9.78 8.58
N PHE B 271 -12.43 10.03 7.97
CA PHE B 271 -11.55 8.94 7.54
C PHE B 271 -11.09 8.09 8.73
N LEU B 272 -10.64 8.75 9.80
CA LEU B 272 -10.20 8.02 10.97
C LEU B 272 -11.35 7.28 11.64
N ARG B 273 -12.55 7.83 11.57
CA ARG B 273 -13.67 7.13 12.19
C ARG B 273 -14.12 5.95 11.32
N ASP B 274 -14.04 6.09 9.99
CA ASP B 274 -14.43 4.99 9.11
C ASP B 274 -13.39 3.87 9.08
N LYS B 275 -12.09 4.20 9.19
CA LYS B 275 -11.08 3.14 9.29
C LYS B 275 -11.17 2.41 10.63
N ALA B 276 -11.37 3.17 11.72
CA ALA B 276 -11.59 2.55 13.03
C ALA B 276 -12.72 1.53 12.97
N SER B 277 -13.78 1.85 12.23
CA SER B 277 -14.91 0.94 12.13
C SER B 277 -14.57 -0.28 11.27
N GLN B 278 -13.88 -0.09 10.14
CA GLN B 278 -13.48 -1.21 9.28
C GLN B 278 -12.65 -2.22 10.06
N TYR B 279 -11.76 -1.76 10.93
CA TYR B 279 -10.88 -2.64 11.67
C TYR B 279 -11.36 -2.89 13.10
N ARG B 280 -12.61 -2.51 13.41
CA ARG B 280 -13.27 -2.78 14.70
C ARG B 280 -12.46 -2.30 15.89
N ILE B 281 -11.79 -1.15 15.73
CA ILE B 281 -11.17 -0.46 16.85
C ILE B 281 -12.24 -0.11 17.89
N PHE B 282 -11.91 -0.33 19.15
CA PHE B 282 -12.83 -0.14 20.28
C PHE B 282 -14.00 -1.11 20.25
N GLY B 283 -13.94 -2.15 19.42
CA GLY B 283 -14.96 -3.18 19.42
C GLY B 283 -14.62 -4.30 20.39
N MET C 1 -16.69 11.79 -23.69
CA MET C 1 -17.25 11.04 -22.57
C MET C 1 -16.37 11.09 -21.33
N GLN C 2 -16.60 12.09 -20.47
CA GLN C 2 -15.69 12.40 -19.38
C GLN C 2 -16.48 12.74 -18.12
N GLY C 3 -16.04 12.23 -16.97
CA GLY C 3 -16.64 12.61 -15.71
C GLY C 3 -16.84 11.41 -14.81
N PHE C 4 -17.66 11.60 -13.79
CA PHE C 4 -17.96 10.61 -12.75
C PHE C 4 -19.29 9.94 -13.01
N GLY C 5 -19.37 8.65 -12.72
CA GLY C 5 -20.56 7.88 -13.00
C GLY C 5 -20.88 6.92 -11.87
N VAL C 6 -22.15 6.53 -11.81
CA VAL C 6 -22.64 5.53 -10.86
C VAL C 6 -23.49 4.52 -11.62
N HIS C 7 -23.32 3.25 -11.28
CA HIS C 7 -24.10 2.20 -11.92
C HIS C 7 -25.51 2.16 -11.34
N ALA C 8 -26.48 1.95 -12.23
CA ALA C 8 -27.89 1.94 -11.84
C ALA C 8 -28.17 0.84 -10.81
N MET C 9 -27.37 -0.23 -10.82
CA MET C 9 -27.49 -1.30 -9.82
C MET C 9 -27.43 -0.77 -8.39
N MET C 10 -26.90 0.43 -8.17
CA MET C 10 -26.95 1.00 -6.82
C MET C 10 -28.40 1.21 -6.35
N TRP C 11 -29.36 1.30 -7.26
CA TRP C 11 -30.76 1.39 -6.91
C TRP C 11 -31.49 0.09 -7.23
N SER C 12 -31.45 -0.36 -8.48
CA SER C 12 -31.98 -1.67 -8.86
C SER C 12 -31.52 -1.97 -10.27
N LEU C 13 -31.51 -3.26 -10.60
CA LEU C 13 -31.22 -3.65 -11.96
C LEU C 13 -32.45 -3.71 -12.85
N ASN C 14 -33.65 -3.77 -12.26
CA ASN C 14 -34.86 -3.61 -13.03
C ASN C 14 -34.96 -2.19 -13.57
N TRP C 15 -35.59 -2.05 -14.74
CA TRP C 15 -35.66 -0.77 -15.45
C TRP C 15 -37.06 -0.52 -15.98
N ASP C 16 -38.08 -0.71 -15.14
CA ASP C 16 -39.40 -0.26 -15.51
C ASP C 16 -39.48 1.25 -15.29
N HIS C 17 -40.67 1.82 -15.50
CA HIS C 17 -40.81 3.26 -15.38
C HIS C 17 -40.44 3.75 -13.99
N GLU C 18 -40.80 2.99 -12.95
CA GLU C 18 -40.44 3.38 -11.60
C GLU C 18 -38.93 3.37 -11.39
N SER C 19 -38.27 2.27 -11.77
CA SER C 19 -36.85 2.09 -11.46
C SER C 19 -35.98 3.14 -12.16
N ALA C 20 -36.36 3.51 -13.39
CA ALA C 20 -35.55 4.46 -14.14
C ALA C 20 -35.54 5.83 -13.48
N ARG C 21 -36.70 6.32 -13.07
CA ARG C 21 -36.76 7.63 -12.41
C ARG C 21 -35.98 7.62 -11.10
N ARG C 22 -36.23 6.62 -10.24
CA ARG C 22 -35.48 6.51 -9.00
C ARG C 22 -33.97 6.48 -9.26
N ALA C 23 -33.54 5.68 -10.23
CA ALA C 23 -32.11 5.55 -10.50
C ALA C 23 -31.54 6.86 -11.03
N ILE C 24 -32.22 7.47 -12.00
CA ILE C 24 -31.72 8.68 -12.62
C ILE C 24 -31.81 9.87 -11.66
N ALA C 25 -32.91 9.96 -10.90
CA ALA C 25 -32.99 10.99 -9.88
C ALA C 25 -31.94 10.79 -8.80
N GLY C 26 -31.72 9.54 -8.39
CA GLY C 26 -30.68 9.27 -7.42
C GLY C 26 -29.30 9.68 -7.91
N ALA C 27 -28.99 9.36 -9.18
CA ALA C 27 -27.69 9.69 -9.74
C ALA C 27 -27.48 11.21 -9.80
N ALA C 28 -28.52 11.94 -10.19
CA ALA C 28 -28.43 13.40 -10.18
C ALA C 28 -28.21 13.94 -8.75
N ASP C 29 -28.96 13.40 -7.78
CA ASP C 29 -28.85 13.83 -6.37
C ASP C 29 -27.43 13.79 -5.85
N TYR C 30 -26.64 12.83 -6.30
CA TYR C 30 -25.25 12.70 -5.88
C TYR C 30 -24.29 13.44 -6.82
N GLY C 31 -24.81 14.33 -7.67
CA GLY C 31 -23.96 15.13 -8.55
C GLY C 31 -23.19 14.37 -9.61
N GLN C 32 -23.67 13.21 -10.03
CA GLN C 32 -22.93 12.44 -11.03
C GLN C 32 -23.08 13.06 -12.41
N ASP C 33 -22.12 12.74 -13.29
CA ASP C 33 -22.21 13.14 -14.69
C ASP C 33 -22.88 12.07 -15.52
N PHE C 34 -22.62 10.79 -15.21
CA PHE C 34 -23.13 9.67 -15.99
C PHE C 34 -23.84 8.69 -15.08
N ILE C 35 -24.87 8.05 -15.61
CA ILE C 35 -25.41 6.82 -15.04
C ILE C 35 -25.17 5.69 -16.02
N GLU C 36 -24.79 4.53 -15.52
CA GLU C 36 -24.64 3.35 -16.35
C GLU C 36 -25.91 2.51 -16.24
N ILE C 37 -26.60 2.35 -17.36
CA ILE C 37 -27.91 1.69 -17.40
C ILE C 37 -27.70 0.26 -17.91
N PRO C 38 -28.00 -0.75 -17.10
CA PRO C 38 -27.87 -2.14 -17.59
C PRO C 38 -29.04 -2.51 -18.48
N LEU C 39 -28.74 -3.07 -19.65
CA LEU C 39 -29.74 -3.60 -20.57
C LEU C 39 -29.81 -5.11 -20.34
N VAL C 40 -30.96 -5.56 -19.86
CA VAL C 40 -31.15 -6.93 -19.38
C VAL C 40 -32.24 -7.58 -20.20
N ASP C 41 -33.50 -7.22 -19.93
CA ASP C 41 -34.64 -7.63 -20.73
C ASP C 41 -34.95 -6.48 -21.70
N LEU C 42 -34.54 -6.66 -22.96
CA LEU C 42 -34.66 -5.58 -23.94
C LEU C 42 -36.09 -5.13 -24.21
N PRO C 43 -37.09 -6.01 -24.41
CA PRO C 43 -38.43 -5.51 -24.77
C PRO C 43 -39.10 -4.68 -23.68
N SER C 44 -38.62 -4.71 -22.44
CA SER C 44 -39.21 -3.93 -21.35
C SER C 44 -38.53 -2.60 -21.12
N VAL C 45 -37.86 -2.03 -22.13
CA VAL C 45 -37.22 -0.72 -22.00
C VAL C 45 -38.05 0.29 -22.78
N ASP C 46 -38.70 1.20 -22.06
CA ASP C 46 -39.25 2.39 -22.70
C ASP C 46 -38.14 3.41 -22.79
N THR C 47 -37.63 3.63 -24.00
CA THR C 47 -36.44 4.42 -24.20
C THR C 47 -36.75 5.91 -24.30
N ALA C 48 -37.89 6.25 -24.90
CA ALA C 48 -38.30 7.66 -24.91
C ALA C 48 -38.53 8.16 -23.50
N HIS C 49 -39.11 7.31 -22.64
CA HIS C 49 -39.26 7.65 -21.23
C HIS C 49 -37.90 7.87 -20.58
N THR C 50 -36.96 6.95 -20.81
CA THR C 50 -35.63 7.10 -20.22
C THR C 50 -34.92 8.33 -20.73
N ARG C 51 -35.00 8.60 -22.03
CA ARG C 51 -34.37 9.80 -22.57
C ARG C 51 -34.96 11.07 -21.94
N ALA C 52 -36.25 11.06 -21.63
CA ALA C 52 -36.86 12.25 -21.05
C ALA C 52 -36.34 12.50 -19.65
N LEU C 53 -36.31 11.44 -18.83
CA LEU C 53 -35.74 11.53 -17.48
C LEU C 53 -34.32 12.07 -17.54
N LEU C 54 -33.49 11.50 -18.42
CA LEU C 54 -32.08 11.90 -18.49
C LEU C 54 -31.96 13.39 -18.74
N GLU C 55 -32.58 13.89 -19.80
CA GLU C 55 -32.42 15.29 -20.12
C GLU C 55 -33.14 16.21 -19.15
N LYS C 56 -34.06 15.67 -18.34
CA LYS C 56 -34.69 16.48 -17.30
C LYS C 56 -33.73 16.70 -16.14
N TYR C 57 -33.03 15.65 -15.74
CA TYR C 57 -32.12 15.70 -14.61
C TYR C 57 -30.69 16.07 -15.02
N GLY C 58 -30.46 16.34 -16.30
CA GLY C 58 -29.14 16.75 -16.74
C GLY C 58 -28.10 15.68 -16.59
N LEU C 59 -28.45 14.44 -16.93
CA LEU C 59 -27.57 13.28 -16.76
C LEU C 59 -27.29 12.65 -18.13
N ARG C 60 -26.06 12.21 -18.31
CA ARG C 60 -25.68 11.43 -19.46
C ARG C 60 -25.59 9.96 -19.06
N ALA C 61 -25.46 9.10 -20.07
CA ALA C 61 -25.61 7.68 -19.82
C ALA C 61 -24.76 6.88 -20.79
N ALA C 62 -24.18 5.79 -20.28
CA ALA C 62 -23.77 4.67 -21.09
C ALA C 62 -24.59 3.45 -20.68
N CYS C 63 -24.79 2.53 -21.62
CA CYS C 63 -25.48 1.28 -21.37
C CYS C 63 -24.45 0.15 -21.26
N SER C 64 -24.75 -0.85 -20.43
CA SER C 64 -23.89 -2.01 -20.31
C SER C 64 -24.71 -3.29 -20.41
N LEU C 65 -24.04 -4.39 -20.79
CA LEU C 65 -24.72 -5.67 -20.79
C LEU C 65 -23.70 -6.80 -20.62
N VAL C 66 -24.23 -8.01 -20.45
CA VAL C 66 -23.49 -9.26 -20.57
C VAL C 66 -24.21 -10.08 -21.63
N LEU C 67 -23.46 -10.72 -22.52
CA LEU C 67 -24.10 -11.59 -23.51
C LEU C 67 -24.74 -12.77 -22.80
N PRO C 68 -25.99 -13.11 -23.12
CA PRO C 68 -26.57 -14.36 -22.62
C PRO C 68 -26.05 -15.53 -23.43
N GLU C 69 -26.12 -16.72 -22.81
CA GLU C 69 -25.38 -17.86 -23.35
C GLU C 69 -25.67 -18.20 -24.81
N PRO C 70 -26.92 -18.18 -25.31
CA PRO C 70 -27.12 -18.51 -26.73
C PRO C 70 -26.58 -17.44 -27.68
N ALA C 71 -26.12 -16.30 -27.17
CA ALA C 71 -25.54 -15.25 -27.99
C ALA C 71 -24.04 -15.04 -27.73
N TRP C 72 -23.40 -16.01 -27.06
CA TRP C 72 -21.98 -15.88 -26.77
C TRP C 72 -21.17 -15.82 -28.06
N ALA C 73 -20.32 -14.80 -28.16
CA ALA C 73 -19.70 -14.48 -29.45
C ALA C 73 -18.63 -15.51 -29.83
N SER C 74 -18.02 -16.20 -28.86
CA SER C 74 -16.92 -17.10 -29.19
C SER C 74 -17.41 -18.32 -29.96
N VAL C 75 -18.66 -18.73 -29.74
CA VAL C 75 -19.19 -19.90 -30.39
C VAL C 75 -20.41 -19.60 -31.28
N ARG C 76 -21.13 -18.51 -31.05
CA ARG C 76 -22.32 -18.15 -31.85
C ARG C 76 -22.24 -16.67 -32.25
N PRO C 77 -21.33 -16.32 -33.17
CA PRO C 77 -21.14 -14.88 -33.48
C PRO C 77 -22.35 -14.23 -34.13
N GLU C 78 -23.12 -14.95 -34.96
CA GLU C 78 -24.30 -14.35 -35.57
C GLU C 78 -25.33 -13.97 -34.51
N ALA C 79 -25.59 -14.86 -33.56
CA ALA C 79 -26.48 -14.50 -32.47
C ALA C 79 -25.92 -13.36 -31.61
N ALA C 80 -24.59 -13.30 -31.46
CA ALA C 80 -23.98 -12.15 -30.80
C ALA C 80 -24.32 -10.85 -31.53
N VAL C 81 -24.15 -10.83 -32.84
CA VAL C 81 -24.37 -9.61 -33.62
C VAL C 81 -25.80 -9.12 -33.45
N ALA C 82 -26.76 -10.03 -33.65
CA ALA C 82 -28.17 -9.65 -33.57
C ALA C 82 -28.52 -9.15 -32.17
N HIS C 83 -27.96 -9.78 -31.14
CA HIS C 83 -28.27 -9.34 -29.79
C HIS C 83 -27.62 -7.99 -29.51
N LEU C 84 -26.34 -7.84 -29.88
CA LEU C 84 -25.64 -6.57 -29.69
C LEU C 84 -26.31 -5.46 -30.48
N ASN C 85 -26.60 -5.70 -31.76
CA ASN C 85 -27.21 -4.67 -32.58
C ASN C 85 -28.56 -4.23 -32.01
N ALA C 86 -29.27 -5.13 -31.34
CA ALA C 86 -30.55 -4.78 -30.72
C ALA C 86 -30.35 -3.97 -29.45
N ALA C 87 -29.33 -4.28 -28.67
CA ALA C 87 -29.03 -3.46 -27.50
C ALA C 87 -28.60 -2.06 -27.91
N LEU C 88 -27.79 -1.97 -28.97
CA LEU C 88 -27.32 -0.69 -29.49
C LEU C 88 -28.48 0.20 -29.92
N ASP C 89 -29.55 -0.41 -30.44
CA ASP C 89 -30.73 0.33 -30.86
C ASP C 89 -31.38 1.05 -29.69
N LYS C 90 -31.66 0.32 -28.61
CA LYS C 90 -32.38 0.92 -27.50
C LYS C 90 -31.48 1.84 -26.69
N ALA C 91 -30.18 1.53 -26.66
CA ALA C 91 -29.22 2.47 -26.08
C ALA C 91 -29.28 3.82 -26.78
N ALA C 92 -29.33 3.80 -28.12
CA ALA C 92 -29.37 5.04 -28.89
C ALA C 92 -30.67 5.79 -28.67
N GLU C 93 -31.79 5.07 -28.65
CA GLU C 93 -33.07 5.71 -28.41
C GLU C 93 -33.09 6.41 -27.06
N MET C 94 -32.44 5.81 -26.04
CA MET C 94 -32.36 6.43 -24.73
C MET C 94 -31.50 7.68 -24.71
N GLY C 95 -30.68 7.86 -25.73
CA GLY C 95 -29.72 8.93 -25.73
C GLY C 95 -28.44 8.62 -25.00
N ALA C 96 -28.19 7.35 -24.68
CA ALA C 96 -26.89 6.97 -24.16
C ALA C 96 -25.82 7.19 -25.24
N GLU C 97 -24.57 7.33 -24.79
CA GLU C 97 -23.45 7.61 -25.69
C GLU C 97 -22.56 6.40 -25.93
N ALA C 98 -22.81 5.27 -25.27
CA ALA C 98 -21.95 4.12 -25.45
C ALA C 98 -22.65 2.87 -24.90
N LEU C 99 -22.22 1.72 -25.42
CA LEU C 99 -22.59 0.41 -24.91
C LEU C 99 -21.30 -0.32 -24.58
N THR C 100 -21.21 -0.85 -23.35
CA THR C 100 -19.97 -1.45 -22.91
C THR C 100 -20.29 -2.63 -21.99
N GLY C 101 -19.25 -3.20 -21.37
CA GLY C 101 -19.39 -4.36 -20.52
C GLY C 101 -18.84 -5.62 -21.17
N VAL C 102 -19.37 -6.77 -20.77
CA VAL C 102 -18.96 -8.04 -21.35
C VAL C 102 -19.78 -8.23 -22.61
N THR C 103 -19.50 -7.42 -23.61
CA THR C 103 -20.13 -7.42 -24.93
C THR C 103 -19.62 -8.51 -25.86
N TYR C 104 -18.79 -9.43 -25.34
CA TYR C 104 -18.06 -10.39 -26.16
C TYR C 104 -18.28 -11.83 -25.71
N GLY C 105 -18.93 -12.06 -24.58
CA GLY C 105 -19.15 -13.38 -24.06
C GLY C 105 -19.93 -13.29 -22.77
N GLY C 106 -19.75 -14.26 -21.88
CA GLY C 106 -20.55 -14.36 -20.68
C GLY C 106 -19.70 -14.19 -19.43
N THR C 107 -20.38 -13.96 -18.31
CA THR C 107 -19.71 -13.92 -17.03
C THR C 107 -19.67 -15.29 -16.35
N SER C 108 -20.11 -16.33 -17.05
CA SER C 108 -19.94 -17.71 -16.59
C SER C 108 -19.51 -18.58 -17.75
N GLU C 109 -18.67 -18.04 -18.63
CA GLU C 109 -18.20 -18.74 -19.82
C GLU C 109 -16.88 -19.46 -19.51
N ARG C 110 -16.79 -20.73 -19.93
CA ARG C 110 -15.62 -21.56 -19.68
C ARG C 110 -15.68 -22.77 -20.60
N THR C 111 -14.58 -23.05 -21.30
CA THR C 111 -14.49 -24.25 -22.14
C THR C 111 -13.58 -25.32 -21.56
N GLY C 112 -12.95 -25.08 -20.41
CA GLY C 112 -12.00 -26.00 -19.82
C GLY C 112 -10.60 -25.91 -20.38
N PHE C 113 -10.39 -25.13 -21.44
CA PHE C 113 -9.12 -24.99 -22.14
C PHE C 113 -8.81 -23.51 -22.31
N PRO C 114 -7.57 -23.18 -22.65
CA PRO C 114 -7.23 -21.78 -22.95
C PRO C 114 -7.95 -21.32 -24.21
N PRO C 115 -8.18 -20.02 -24.35
CA PRO C 115 -8.94 -19.53 -25.50
C PRO C 115 -8.20 -19.74 -26.81
N THR C 116 -8.92 -20.17 -27.83
CA THR C 116 -8.26 -20.57 -29.05
C THR C 116 -8.30 -19.48 -30.13
N GLN C 117 -7.41 -19.66 -31.10
CA GLN C 117 -7.42 -18.92 -32.35
C GLN C 117 -8.84 -18.74 -32.87
N ALA C 118 -9.59 -19.84 -33.00
CA ALA C 118 -10.90 -19.80 -33.65
C ALA C 118 -11.90 -19.01 -32.82
N GLU C 119 -11.84 -19.11 -31.49
CA GLU C 119 -12.75 -18.35 -30.65
C GLU C 119 -12.55 -16.85 -30.84
N TYR C 120 -11.28 -16.41 -30.90
CA TYR C 120 -10.97 -15.00 -31.12
C TYR C 120 -11.39 -14.52 -32.50
N ASP C 121 -11.33 -15.39 -33.50
CA ASP C 121 -11.79 -15.02 -34.84
C ASP C 121 -13.30 -14.78 -34.85
N ASN C 122 -14.05 -15.56 -34.07
CA ASN C 122 -15.47 -15.35 -33.89
C ASN C 122 -15.75 -14.03 -33.19
N LEU C 123 -15.07 -13.78 -32.06
CA LEU C 123 -15.21 -12.51 -31.35
C LEU C 123 -14.96 -11.33 -32.29
N THR C 124 -13.85 -11.39 -33.03
CA THR C 124 -13.43 -10.31 -33.92
C THR C 124 -14.51 -10.01 -34.95
N ARG C 125 -14.95 -11.04 -35.68
CA ARG C 125 -16.00 -10.88 -36.70
C ARG C 125 -17.27 -10.32 -36.08
N ALA C 126 -17.61 -10.75 -34.87
CA ALA C 126 -18.86 -10.32 -34.26
C ALA C 126 -18.78 -8.85 -33.82
N LEU C 127 -17.77 -8.53 -33.01
CA LEU C 127 -17.60 -7.15 -32.57
C LEU C 127 -17.27 -6.23 -33.73
N SER C 128 -16.59 -6.73 -34.76
CA SER C 128 -16.32 -5.86 -35.89
C SER C 128 -17.62 -5.35 -36.49
N GLN C 129 -18.59 -6.23 -36.66
CA GLN C 129 -19.82 -5.83 -37.33
C GLN C 129 -20.72 -5.01 -36.41
N SER C 130 -20.83 -5.42 -35.13
CA SER C 130 -21.62 -4.64 -34.19
C SER C 130 -21.01 -3.27 -33.91
N ALA C 131 -19.68 -3.17 -33.82
CA ALA C 131 -19.06 -1.87 -33.65
C ALA C 131 -19.38 -0.95 -34.83
N GLY C 132 -19.48 -1.52 -36.04
CA GLY C 132 -19.87 -0.71 -37.18
C GLY C 132 -21.31 -0.26 -37.10
N HIS C 133 -22.19 -1.11 -36.58
CA HIS C 133 -23.57 -0.70 -36.33
C HIS C 133 -23.61 0.43 -35.31
N ALA C 134 -22.75 0.37 -34.30
CA ALA C 134 -22.68 1.43 -33.30
C ALA C 134 -22.21 2.73 -33.92
N LYS C 135 -21.28 2.65 -34.88
CA LYS C 135 -20.79 3.85 -35.56
C LYS C 135 -21.90 4.59 -36.27
N THR C 136 -22.78 3.87 -36.97
CA THR C 136 -23.86 4.56 -37.67
C THR C 136 -24.79 5.26 -36.70
N LEU C 137 -24.95 4.71 -35.48
CA LEU C 137 -25.78 5.32 -34.46
C LEU C 137 -25.09 6.45 -33.70
N GLY C 138 -23.77 6.58 -33.81
CA GLY C 138 -23.05 7.55 -33.03
C GLY C 138 -22.58 7.05 -31.69
N LEU C 139 -22.65 5.74 -31.46
CA LEU C 139 -22.29 5.16 -30.18
C LEU C 139 -20.85 4.66 -30.20
N GLN C 140 -20.18 4.79 -29.07
CA GLN C 140 -18.93 4.09 -28.86
C GLN C 140 -19.22 2.70 -28.27
N PHE C 141 -18.25 1.80 -28.41
CA PHE C 141 -18.42 0.40 -28.09
C PHE C 141 -17.27 -0.04 -27.20
N GLY C 142 -17.57 -0.62 -26.04
CA GLY C 142 -16.56 -0.98 -25.06
C GLY C 142 -16.38 -2.48 -24.84
N ILE C 143 -15.18 -2.86 -24.41
CA ILE C 143 -14.81 -4.25 -24.09
C ILE C 143 -14.28 -4.25 -22.68
N GLU C 144 -14.99 -4.90 -21.76
CA GLU C 144 -14.60 -4.95 -20.35
C GLU C 144 -13.86 -6.25 -20.07
N ALA C 145 -12.59 -6.15 -19.67
CA ALA C 145 -11.86 -7.30 -19.20
C ALA C 145 -12.36 -7.73 -17.82
N VAL C 146 -12.47 -9.04 -17.61
CA VAL C 146 -12.93 -9.59 -16.34
C VAL C 146 -12.06 -10.79 -15.97
N ASN C 147 -12.24 -11.25 -14.73
CA ASN C 147 -11.28 -12.20 -14.19
C ASN C 147 -11.53 -13.62 -14.74
N ARG C 148 -10.57 -14.50 -14.44
CA ARG C 148 -10.48 -15.82 -15.04
C ARG C 148 -11.60 -16.75 -14.62
N TYR C 149 -12.33 -16.43 -13.55
CA TYR C 149 -13.41 -17.32 -13.15
C TYR C 149 -14.67 -17.02 -13.93
N GLU C 150 -14.79 -15.80 -14.44
CA GLU C 150 -16.01 -15.40 -15.14
C GLU C 150 -15.92 -15.66 -16.64
N ASN C 151 -14.72 -15.60 -17.19
CA ASN C 151 -14.48 -15.65 -18.62
C ASN C 151 -13.06 -16.14 -18.90
N HIS C 152 -12.88 -16.81 -20.02
CA HIS C 152 -11.56 -17.32 -20.41
C HIS C 152 -10.98 -16.60 -21.62
N LEU C 153 -11.55 -15.48 -22.03
CA LEU C 153 -11.19 -14.84 -23.29
C LEU C 153 -10.50 -13.50 -23.11
N VAL C 154 -11.02 -12.62 -22.24
CA VAL C 154 -10.49 -11.26 -22.09
C VAL C 154 -10.32 -11.03 -20.59
N ASN C 155 -9.14 -11.34 -20.07
CA ASN C 155 -8.86 -11.22 -18.64
C ASN C 155 -7.97 -10.05 -18.30
N SER C 156 -6.92 -9.86 -19.08
CA SER C 156 -5.88 -8.86 -18.91
C SER C 156 -6.15 -7.65 -19.79
N ALA C 157 -5.65 -6.50 -19.35
CA ALA C 157 -5.71 -5.31 -20.20
C ALA C 157 -5.01 -5.53 -21.54
N GLU C 158 -3.88 -6.25 -21.57
CA GLU C 158 -3.21 -6.43 -22.86
C GLU C 158 -4.02 -7.33 -23.79
N GLN C 159 -4.77 -8.29 -23.26
CA GLN C 159 -5.66 -9.05 -24.14
C GLN C 159 -6.67 -8.12 -24.77
N ALA C 160 -7.29 -7.26 -23.95
CA ALA C 160 -8.31 -6.35 -24.47
C ALA C 160 -7.72 -5.46 -25.55
N VAL C 161 -6.50 -4.96 -25.33
CA VAL C 161 -5.81 -4.10 -26.29
C VAL C 161 -5.56 -4.85 -27.59
N ALA C 162 -5.06 -6.09 -27.50
CA ALA C 162 -4.77 -6.86 -28.71
C ALA C 162 -6.04 -7.09 -29.52
N LEU C 163 -7.16 -7.34 -28.83
CA LEU C 163 -8.42 -7.59 -29.52
C LEU C 163 -8.89 -6.34 -30.26
N VAL C 164 -8.78 -5.18 -29.61
CA VAL C 164 -9.19 -3.92 -30.20
C VAL C 164 -8.32 -3.59 -31.42
N GLU C 165 -7.00 -3.73 -31.28
CA GLU C 165 -6.12 -3.58 -32.42
C GLU C 165 -6.50 -4.51 -33.55
N ARG C 166 -6.82 -5.77 -33.23
CA ARG C 166 -7.17 -6.75 -34.26
C ARG C 166 -8.39 -6.29 -35.04
N ILE C 167 -9.43 -5.88 -34.32
CA ILE C 167 -10.70 -5.52 -34.96
C ILE C 167 -10.50 -4.33 -35.89
N GLY C 168 -9.65 -3.38 -35.48
CA GLY C 168 -9.35 -2.23 -36.32
C GLY C 168 -10.41 -1.16 -36.38
N ALA C 169 -11.31 -1.11 -35.40
CA ALA C 169 -12.37 -0.11 -35.38
C ALA C 169 -11.96 1.03 -34.46
N ASP C 170 -12.15 2.27 -34.93
CA ASP C 170 -11.72 3.46 -34.20
C ASP C 170 -12.72 3.88 -33.12
N ASN C 171 -13.83 3.17 -32.97
CA ASN C 171 -14.85 3.51 -31.99
C ASN C 171 -15.00 2.44 -30.91
N ILE C 172 -13.99 1.59 -30.72
CA ILE C 172 -13.98 0.64 -29.60
C ILE C 172 -12.93 1.07 -28.59
N PHE C 173 -13.31 1.10 -27.32
CA PHE C 173 -12.41 1.43 -26.23
C PHE C 173 -12.33 0.27 -25.25
N VAL C 174 -11.21 0.20 -24.52
CA VAL C 174 -11.04 -0.73 -23.42
C VAL C 174 -11.72 -0.20 -22.17
N HIS C 175 -12.38 -1.11 -21.46
CA HIS C 175 -13.06 -0.87 -20.20
C HIS C 175 -12.40 -1.79 -19.18
N LEU C 176 -11.88 -1.22 -18.09
CA LEU C 176 -11.24 -2.02 -17.07
C LEU C 176 -11.95 -1.88 -15.72
N ASP C 177 -11.78 -2.89 -14.87
CA ASP C 177 -12.56 -3.06 -13.64
C ASP C 177 -11.56 -3.35 -12.52
N THR C 178 -11.46 -2.44 -11.55
CA THR C 178 -10.45 -2.57 -10.49
C THR C 178 -10.60 -3.85 -9.68
N PHE C 179 -11.83 -4.37 -9.56
CA PHE C 179 -12.05 -5.65 -8.90
C PHE C 179 -11.42 -6.82 -9.68
N HIS C 180 -11.63 -6.85 -11.00
CA HIS C 180 -10.99 -7.88 -11.83
C HIS C 180 -9.50 -7.65 -11.97
N MET C 181 -9.08 -6.38 -12.13
CA MET C 181 -7.65 -6.08 -12.25
C MET C 181 -6.91 -6.55 -11.02
N ASN C 182 -7.56 -6.48 -9.85
CA ASN C 182 -6.90 -6.86 -8.60
C ASN C 182 -6.44 -8.32 -8.64
N MET C 183 -7.09 -9.14 -9.46
CA MET C 183 -6.67 -10.51 -9.69
C MET C 183 -5.82 -10.66 -10.93
N GLU C 184 -6.17 -9.97 -12.03
CA GLU C 184 -5.57 -10.28 -13.32
C GLU C 184 -4.27 -9.51 -13.62
N GLU C 185 -4.06 -8.32 -13.06
CA GLU C 185 -2.90 -7.51 -13.46
C GLU C 185 -1.76 -7.73 -12.49
N LYS C 186 -0.56 -7.91 -13.03
CA LYS C 186 0.64 -8.06 -12.22
C LYS C 186 1.02 -6.69 -11.67
N GLY C 187 0.38 -6.33 -10.56
CA GLY C 187 0.38 -4.94 -10.13
C GLY C 187 -0.63 -4.13 -10.90
N ILE C 188 -1.69 -3.71 -10.21
CA ILE C 188 -2.90 -3.21 -10.84
C ILE C 188 -2.60 -2.08 -11.84
N ALA C 189 -1.64 -1.21 -11.53
CA ALA C 189 -1.33 -0.10 -12.45
C ALA C 189 -0.91 -0.58 -13.83
N ASN C 190 -0.36 -1.78 -13.95
CA ASN C 190 0.14 -2.23 -15.24
C ASN C 190 -0.98 -2.41 -16.27
N GLY C 191 -2.21 -2.74 -15.84
CA GLY C 191 -3.32 -2.77 -16.79
C GLY C 191 -3.64 -1.40 -17.34
N ILE C 192 -3.71 -0.39 -16.46
CA ILE C 192 -3.96 0.99 -16.89
C ILE C 192 -2.87 1.45 -17.85
N ILE C 193 -1.60 1.17 -17.52
CA ILE C 193 -0.51 1.57 -18.40
C ILE C 193 -0.63 0.86 -19.74
N ALA C 194 -0.92 -0.46 -19.73
CA ALA C 194 -0.96 -1.21 -20.97
C ALA C 194 -2.10 -0.74 -21.88
N ALA C 195 -3.24 -0.35 -21.30
CA ALA C 195 -4.38 0.13 -22.08
C ALA C 195 -4.27 1.63 -22.44
N HIS C 196 -3.14 2.27 -22.14
CA HIS C 196 -3.07 3.72 -22.11
C HIS C 196 -3.59 4.39 -23.38
N ASP C 197 -3.61 3.69 -24.52
CA ASP C 197 -4.12 4.28 -25.75
C ASP C 197 -5.62 4.15 -25.90
N TYR C 198 -6.24 3.16 -25.25
CA TYR C 198 -7.64 2.85 -25.51
C TYR C 198 -8.53 2.95 -24.29
N LEU C 199 -7.96 3.16 -23.09
CA LEU C 199 -8.73 3.21 -21.85
C LEU C 199 -9.65 4.44 -21.80
N LYS C 200 -10.97 4.20 -21.87
CA LYS C 200 -11.92 5.30 -21.77
C LYS C 200 -12.98 5.10 -20.69
N TYR C 201 -12.97 3.98 -19.98
CA TYR C 201 -14.06 3.73 -19.04
C TYR C 201 -13.53 2.84 -17.92
N MET C 202 -13.84 3.18 -16.68
CA MET C 202 -13.41 2.39 -15.53
C MET C 202 -14.61 1.95 -14.72
N HIS C 203 -14.54 0.75 -14.18
CA HIS C 203 -15.35 0.36 -13.03
C HIS C 203 -14.47 0.49 -11.79
N MET C 204 -14.77 1.51 -10.98
CA MET C 204 -14.10 1.74 -9.71
C MET C 204 -14.83 0.92 -8.65
N SER C 205 -14.33 -0.28 -8.42
CA SER C 205 -14.99 -1.25 -7.56
C SER C 205 -13.98 -1.78 -6.55
N GLU C 206 -14.39 -1.83 -5.28
CA GLU C 206 -13.51 -2.37 -4.24
C GLU C 206 -13.32 -3.88 -4.44
N SER C 207 -12.31 -4.41 -3.75
CA SER C 207 -11.88 -5.79 -3.95
C SER C 207 -12.94 -6.80 -3.52
N ASP C 208 -13.89 -6.41 -2.66
CA ASP C 208 -14.95 -7.28 -2.17
C ASP C 208 -16.32 -6.86 -2.69
N ARG C 209 -16.35 -6.03 -3.76
CA ARG C 209 -17.55 -5.38 -4.29
C ARG C 209 -18.22 -4.44 -3.28
N GLY C 210 -17.57 -4.14 -2.16
CA GLY C 210 -18.12 -3.24 -1.16
C GLY C 210 -17.97 -1.75 -1.46
N THR C 211 -17.28 -1.04 -0.57
CA THR C 211 -17.12 0.42 -0.63
C THR C 211 -15.71 0.78 -1.08
N PRO C 212 -15.52 1.44 -2.22
CA PRO C 212 -14.17 1.85 -2.63
C PRO C 212 -13.45 2.65 -1.56
N GLY C 213 -12.22 2.25 -1.25
CA GLY C 213 -11.44 2.84 -0.17
C GLY C 213 -11.41 2.01 1.08
N PHE C 214 -12.12 0.88 1.10
CA PHE C 214 -12.27 0.08 2.30
C PHE C 214 -12.13 -1.39 1.92
N GLY C 215 -11.03 -1.70 1.27
CA GLY C 215 -10.74 -3.05 0.82
C GLY C 215 -9.26 -3.20 0.51
N ASN C 216 -8.95 -3.95 -0.54
CA ASN C 216 -7.57 -4.29 -0.87
C ASN C 216 -7.08 -3.68 -2.17
N VAL C 217 -7.93 -2.96 -2.90
CA VAL C 217 -7.49 -2.27 -4.10
C VAL C 217 -6.52 -1.15 -3.71
N ALA C 218 -5.39 -1.08 -4.42
CA ALA C 218 -4.37 -0.05 -4.17
C ALA C 218 -4.75 1.20 -4.94
N TRP C 219 -5.53 2.08 -4.31
CA TRP C 219 -6.11 3.17 -5.08
C TRP C 219 -5.07 4.21 -5.45
N ASP C 220 -4.01 4.34 -4.67
CA ASP C 220 -2.96 5.29 -5.02
C ASP C 220 -2.26 4.88 -6.31
N ALA C 221 -2.09 3.57 -6.51
CA ALA C 221 -1.50 3.11 -7.76
C ALA C 221 -2.48 3.28 -8.91
N VAL C 222 -3.75 2.94 -8.69
CA VAL C 222 -4.78 3.12 -9.71
C VAL C 222 -4.78 4.56 -10.21
N PHE C 223 -4.88 5.51 -9.29
CA PHE C 223 -5.11 6.92 -9.65
C PHE C 223 -3.84 7.56 -10.20
N ALA C 224 -2.69 7.23 -9.60
CA ALA C 224 -1.41 7.63 -10.16
C ALA C 224 -1.31 7.24 -11.63
N ALA C 225 -1.69 6.00 -11.95
CA ALA C 225 -1.53 5.58 -13.34
C ALA C 225 -2.53 6.30 -14.23
N LEU C 226 -3.76 6.50 -13.75
CA LEU C 226 -4.73 7.26 -14.54
C LEU C 226 -4.20 8.65 -14.87
N ALA C 227 -3.74 9.37 -13.84
CA ALA C 227 -3.22 10.72 -14.04
C ALA C 227 -2.02 10.71 -14.98
N ALA C 228 -1.10 9.77 -14.78
CA ALA C 228 0.13 9.83 -15.54
C ALA C 228 -0.10 9.46 -17.01
N ILE C 229 -1.06 8.58 -17.32
CA ILE C 229 -1.35 8.33 -18.74
C ILE C 229 -2.25 9.41 -19.33
N GLY C 230 -2.71 10.37 -18.53
CA GLY C 230 -3.58 11.41 -19.03
C GLY C 230 -4.98 10.93 -19.32
N PHE C 231 -5.57 10.17 -18.39
CA PHE C 231 -6.86 9.51 -18.64
C PHE C 231 -7.98 10.54 -18.85
N LYS C 232 -8.86 10.27 -19.83
CA LYS C 232 -9.88 11.21 -20.23
C LYS C 232 -11.33 10.71 -20.12
N GLY C 233 -11.57 9.44 -19.84
CA GLY C 233 -12.92 8.89 -19.91
C GLY C 233 -13.80 9.04 -18.68
N VAL C 234 -14.56 7.99 -18.34
CA VAL C 234 -15.53 8.01 -17.24
C VAL C 234 -15.04 7.12 -16.09
N LEU C 235 -15.23 7.58 -14.86
CA LEU C 235 -14.97 6.79 -13.65
C LEU C 235 -16.31 6.46 -13.00
N THR C 236 -16.73 5.19 -13.09
CA THR C 236 -18.07 4.76 -12.70
C THR C 236 -18.01 3.83 -11.48
N LEU C 237 -18.76 4.17 -10.43
CA LEU C 237 -18.80 3.32 -9.24
C LEU C 237 -19.58 2.04 -9.50
N GLU C 238 -18.97 0.89 -9.19
CA GLU C 238 -19.64 -0.41 -9.23
C GLU C 238 -19.58 -1.05 -7.84
N SER C 239 -20.74 -1.44 -7.32
CA SER C 239 -20.80 -2.14 -6.03
C SER C 239 -22.10 -2.96 -5.94
N PHE C 240 -22.04 -4.05 -5.16
CA PHE C 240 -23.18 -4.96 -5.03
C PHE C 240 -24.01 -4.69 -3.78
N ALA C 241 -23.81 -3.55 -3.11
CA ALA C 241 -24.46 -3.32 -1.83
C ALA C 241 -25.97 -3.17 -1.95
N ALA C 242 -26.51 -2.98 -3.16
CA ALA C 242 -27.95 -2.88 -3.32
C ALA C 242 -28.60 -4.18 -3.75
N MET C 243 -27.81 -5.21 -4.09
CA MET C 243 -28.36 -6.45 -4.63
C MET C 243 -29.07 -7.26 -3.55
N PRO C 244 -30.31 -7.69 -3.78
CA PRO C 244 -30.98 -8.60 -2.83
C PRO C 244 -30.40 -10.00 -2.94
N GLU C 245 -30.86 -10.90 -2.05
CA GLU C 245 -30.32 -12.26 -2.01
C GLU C 245 -30.73 -13.08 -3.21
N GLU C 246 -31.87 -12.76 -3.84
CA GLU C 246 -32.28 -13.51 -5.03
C GLU C 246 -31.29 -13.34 -6.18
N MET C 247 -30.46 -12.29 -6.15
CA MET C 247 -29.40 -12.11 -7.14
C MET C 247 -28.15 -12.95 -6.84
N ALA C 248 -28.06 -13.62 -5.69
CA ALA C 248 -26.80 -14.24 -5.25
C ALA C 248 -26.16 -15.08 -6.34
N GLY C 249 -26.92 -16.01 -6.93
CA GLY C 249 -26.35 -16.87 -7.95
C GLY C 249 -25.85 -16.12 -9.17
N ALA C 250 -26.59 -15.09 -9.60
CA ALA C 250 -26.22 -14.36 -10.80
C ALA C 250 -24.91 -13.59 -10.66
N ILE C 251 -24.45 -13.34 -9.43
CA ILE C 251 -23.24 -12.53 -9.24
C ILE C 251 -22.21 -13.25 -8.36
N SER C 252 -22.39 -14.57 -8.17
CA SER C 252 -21.51 -15.40 -7.32
C SER C 252 -21.17 -14.71 -6.00
N THR C 253 -22.20 -14.25 -5.30
CA THR C 253 -22.04 -13.47 -4.08
C THR C 253 -22.93 -14.05 -3.00
N TRP C 254 -22.33 -14.61 -1.96
CA TRP C 254 -23.05 -15.42 -1.00
C TRP C 254 -23.22 -14.72 0.34
N ARG C 255 -22.68 -13.53 0.51
CA ARG C 255 -22.90 -12.82 1.77
C ARG C 255 -22.97 -11.34 1.47
N PRO C 256 -23.51 -10.53 2.39
CA PRO C 256 -23.58 -9.09 2.15
C PRO C 256 -22.20 -8.50 1.89
N VAL C 257 -22.14 -7.54 0.96
CA VAL C 257 -20.86 -6.91 0.65
C VAL C 257 -20.57 -5.71 1.52
N ALA C 258 -21.56 -5.19 2.24
CA ALA C 258 -21.43 -3.96 3.01
C ALA C 258 -22.68 -3.80 3.86
N SER C 259 -22.85 -2.60 4.43
CA SER C 259 -24.01 -2.32 5.26
C SER C 259 -24.89 -1.26 4.61
N GLY C 260 -25.32 -1.52 3.39
CA GLY C 260 -26.34 -0.71 2.75
C GLY C 260 -25.80 0.09 1.57
N ALA C 261 -26.67 0.35 0.60
CA ALA C 261 -26.30 1.13 -0.58
C ALA C 261 -26.12 2.61 -0.25
N ASP C 262 -26.88 3.16 0.70
CA ASP C 262 -26.72 4.58 1.01
C ASP C 262 -25.32 4.88 1.53
N GLU C 263 -24.78 4.00 2.38
CA GLU C 263 -23.41 4.14 2.87
C GLU C 263 -22.40 4.08 1.72
N VAL C 264 -22.56 3.11 0.83
CA VAL C 264 -21.64 2.95 -0.30
C VAL C 264 -21.73 4.16 -1.21
N LEU C 265 -22.93 4.69 -1.41
CA LEU C 265 -23.07 5.88 -2.25
C LEU C 265 -22.40 7.08 -1.60
N ASP C 266 -22.80 7.41 -0.37
CA ASP C 266 -22.23 8.57 0.32
C ASP C 266 -20.70 8.46 0.43
N LYS C 267 -20.21 7.35 0.96
CA LYS C 267 -18.77 7.29 1.25
C LYS C 267 -17.96 6.93 0.02
N GLY C 268 -18.48 6.01 -0.80
CA GLY C 268 -17.75 5.59 -1.99
C GLY C 268 -17.66 6.68 -3.04
N LEU C 269 -18.78 7.35 -3.32
CA LEU C 269 -18.71 8.41 -4.32
C LEU C 269 -17.76 9.52 -3.89
N ALA C 270 -17.84 9.95 -2.63
CA ALA C 270 -16.96 11.04 -2.17
C ALA C 270 -15.49 10.60 -2.19
N PHE C 271 -15.21 9.31 -1.98
CA PHE C 271 -13.83 8.83 -2.01
C PHE C 271 -13.24 8.92 -3.41
N LEU C 272 -14.00 8.49 -4.41
CA LEU C 272 -13.56 8.59 -5.81
C LEU C 272 -13.36 10.05 -6.22
N ARG C 273 -14.19 10.95 -5.67
CA ARG C 273 -14.05 12.37 -5.97
C ARG C 273 -12.79 12.96 -5.33
N ASP C 274 -12.57 12.68 -4.04
CA ASP C 274 -11.40 13.24 -3.37
C ASP C 274 -10.11 12.70 -3.97
N LYS C 275 -10.09 11.42 -4.35
CA LYS C 275 -8.93 10.84 -5.02
C LYS C 275 -8.70 11.50 -6.38
N ALA C 276 -9.78 11.68 -7.15
CA ALA C 276 -9.63 12.34 -8.44
C ALA C 276 -9.04 13.74 -8.26
N SER C 277 -9.49 14.44 -7.23
CA SER C 277 -8.97 15.78 -6.96
C SER C 277 -7.52 15.73 -6.51
N GLN C 278 -7.18 14.74 -5.66
CA GLN C 278 -5.80 14.59 -5.19
C GLN C 278 -4.84 14.37 -6.36
N TYR C 279 -5.22 13.54 -7.31
CA TYR C 279 -4.36 13.28 -8.46
C TYR C 279 -4.70 14.16 -9.65
N ARG C 280 -5.57 15.15 -9.46
CA ARG C 280 -5.97 16.10 -10.49
C ARG C 280 -6.43 15.42 -11.78
N ILE C 281 -7.30 14.42 -11.61
CA ILE C 281 -7.64 13.55 -12.75
C ILE C 281 -8.27 14.34 -13.89
N PHE C 282 -9.20 15.24 -13.60
CA PHE C 282 -9.82 15.91 -14.73
C PHE C 282 -9.32 17.35 -14.82
N GLY C 283 -8.00 17.52 -14.92
CA GLY C 283 -7.41 18.84 -15.00
C GLY C 283 -7.13 19.47 -13.64
N MET D 1 3.24 -27.51 14.25
CA MET D 1 3.96 -27.16 13.04
C MET D 1 4.33 -25.69 13.01
N GLN D 2 5.57 -25.41 12.62
CA GLN D 2 6.10 -24.05 12.59
C GLN D 2 7.18 -23.97 11.52
N GLY D 3 7.15 -22.91 10.70
CA GLY D 3 8.28 -22.59 9.84
C GLY D 3 7.86 -22.25 8.41
N PHE D 4 8.83 -22.38 7.50
CA PHE D 4 8.64 -22.08 6.07
C PHE D 4 8.38 -23.36 5.28
N GLY D 5 7.42 -23.29 4.35
CA GLY D 5 7.05 -24.44 3.55
C GLY D 5 6.86 -24.09 2.09
N VAL D 6 6.79 -25.13 1.26
CA VAL D 6 6.59 -24.94 -0.17
C VAL D 6 5.72 -26.07 -0.72
N HIS D 7 4.81 -25.71 -1.63
CA HIS D 7 3.86 -26.65 -2.21
C HIS D 7 4.55 -27.50 -3.27
N ALA D 8 4.43 -28.82 -3.13
CA ALA D 8 5.03 -29.74 -4.10
C ALA D 8 4.63 -29.44 -5.53
N MET D 9 3.49 -28.75 -5.75
CA MET D 9 3.10 -28.36 -7.09
C MET D 9 4.13 -27.46 -7.78
N MET D 10 5.03 -26.81 -7.02
CA MET D 10 6.14 -26.10 -7.64
C MET D 10 7.03 -27.04 -8.44
N TRP D 11 6.94 -28.35 -8.22
CA TRP D 11 7.72 -29.35 -8.96
C TRP D 11 6.88 -30.34 -9.73
N SER D 12 5.71 -30.74 -9.22
CA SER D 12 4.80 -31.61 -9.94
C SER D 12 3.52 -31.78 -9.14
N LEU D 13 2.48 -32.24 -9.83
CA LEU D 13 1.27 -32.64 -9.13
C LEU D 13 1.13 -34.15 -9.04
N ASN D 14 1.70 -34.91 -9.97
CA ASN D 14 1.80 -36.35 -9.79
C ASN D 14 2.80 -36.65 -8.67
N TRP D 15 2.51 -37.72 -7.93
CA TRP D 15 3.36 -38.10 -6.80
C TRP D 15 3.91 -39.51 -6.98
N ASP D 16 4.43 -39.82 -8.17
CA ASP D 16 5.09 -41.09 -8.39
C ASP D 16 6.48 -41.05 -7.76
N HIS D 17 7.27 -42.09 -8.03
CA HIS D 17 8.53 -42.27 -7.31
C HIS D 17 9.53 -41.16 -7.62
N GLU D 18 9.62 -40.75 -8.89
CA GLU D 18 10.58 -39.72 -9.25
C GLU D 18 10.07 -38.31 -9.00
N SER D 19 8.75 -38.10 -9.02
CA SER D 19 8.24 -36.80 -8.65
C SER D 19 8.38 -36.53 -7.15
N ALA D 20 8.11 -37.55 -6.34
CA ALA D 20 8.33 -37.46 -4.90
C ALA D 20 9.78 -37.09 -4.60
N ARG D 21 10.71 -37.73 -5.31
CA ARG D 21 12.13 -37.40 -5.17
C ARG D 21 12.42 -35.99 -5.65
N ARG D 22 11.95 -35.64 -6.85
CA ARG D 22 12.15 -34.31 -7.41
C ARG D 22 11.69 -33.23 -6.43
N ALA D 23 10.49 -33.39 -5.88
CA ALA D 23 9.89 -32.34 -5.06
C ALA D 23 10.54 -32.28 -3.67
N ILE D 24 10.85 -33.43 -3.08
CA ILE D 24 11.39 -33.40 -1.73
C ILE D 24 12.83 -32.90 -1.76
N ALA D 25 13.64 -33.41 -2.70
CA ALA D 25 14.98 -32.85 -2.85
C ALA D 25 14.92 -31.36 -3.16
N GLY D 26 13.92 -30.93 -3.94
CA GLY D 26 13.83 -29.52 -4.30
C GLY D 26 13.53 -28.62 -3.11
N ALA D 27 12.54 -29.01 -2.30
CA ALA D 27 12.24 -28.28 -1.07
C ALA D 27 13.44 -28.21 -0.14
N ALA D 28 14.11 -29.35 0.09
CA ALA D 28 15.32 -29.36 0.90
C ALA D 28 16.40 -28.44 0.33
N ASP D 29 16.51 -28.39 -1.00
CA ASP D 29 17.50 -27.52 -1.62
C ASP D 29 17.24 -26.04 -1.32
N TYR D 30 15.97 -25.64 -1.16
CA TYR D 30 15.65 -24.27 -0.80
C TYR D 30 15.50 -24.08 0.70
N GLY D 31 16.02 -25.00 1.52
CA GLY D 31 16.05 -24.78 2.96
C GLY D 31 14.70 -24.69 3.64
N GLN D 32 13.67 -25.35 3.08
CA GLN D 32 12.34 -25.29 3.66
C GLN D 32 12.24 -26.19 4.88
N ASP D 33 11.38 -25.80 5.82
CA ASP D 33 11.06 -26.69 6.94
C ASP D 33 10.00 -27.70 6.56
N PHE D 34 9.05 -27.30 5.71
CA PHE D 34 7.92 -28.12 5.36
C PHE D 34 7.80 -28.20 3.86
N ILE D 35 7.23 -29.30 3.38
CA ILE D 35 6.71 -29.39 2.03
C ILE D 35 5.24 -29.81 2.14
N GLU D 36 4.41 -29.26 1.27
CA GLU D 36 2.99 -29.61 1.25
C GLU D 36 2.76 -30.63 0.14
N ILE D 37 2.21 -31.78 0.51
CA ILE D 37 2.08 -32.90 -0.43
C ILE D 37 0.61 -33.01 -0.83
N PRO D 38 0.26 -32.74 -2.08
CA PRO D 38 -1.13 -32.92 -2.52
C PRO D 38 -1.50 -34.40 -2.57
N LEU D 39 -2.72 -34.70 -2.16
CA LEU D 39 -3.27 -36.04 -2.21
C LEU D 39 -4.40 -36.00 -3.25
N VAL D 40 -4.17 -36.65 -4.39
CA VAL D 40 -5.15 -36.60 -5.46
C VAL D 40 -5.61 -38.01 -5.80
N ASP D 41 -4.69 -38.84 -6.24
CA ASP D 41 -4.99 -40.23 -6.57
C ASP D 41 -4.38 -41.10 -5.47
N LEU D 42 -5.22 -41.52 -4.52
CA LEU D 42 -4.70 -42.16 -3.32
C LEU D 42 -3.93 -43.46 -3.58
N PRO D 43 -4.39 -44.39 -4.42
CA PRO D 43 -3.70 -45.69 -4.51
C PRO D 43 -2.34 -45.62 -5.17
N SER D 44 -1.94 -44.49 -5.76
CA SER D 44 -0.64 -44.40 -6.41
C SER D 44 0.40 -43.69 -5.55
N VAL D 45 0.04 -43.19 -4.38
CA VAL D 45 1.00 -42.55 -3.48
C VAL D 45 1.69 -43.63 -2.65
N ASP D 46 2.98 -43.81 -2.89
CA ASP D 46 3.79 -44.74 -2.10
C ASP D 46 4.17 -44.07 -0.79
N THR D 47 3.70 -44.63 0.32
CA THR D 47 3.89 -44.00 1.61
C THR D 47 5.26 -44.30 2.21
N ALA D 48 5.74 -45.54 2.06
CA ALA D 48 7.05 -45.90 2.55
C ALA D 48 8.14 -45.11 1.83
N HIS D 49 8.01 -44.95 0.52
CA HIS D 49 8.98 -44.19 -0.26
C HIS D 49 9.00 -42.72 0.20
N THR D 50 7.83 -42.13 0.40
CA THR D 50 7.75 -40.71 0.75
C THR D 50 8.29 -40.45 2.15
N ARG D 51 7.93 -41.31 3.11
CA ARG D 51 8.44 -41.16 4.46
C ARG D 51 9.95 -41.24 4.49
N ALA D 52 10.53 -42.20 3.75
CA ALA D 52 11.98 -42.35 3.73
C ALA D 52 12.66 -41.11 3.18
N LEU D 53 12.13 -40.57 2.09
CA LEU D 53 12.70 -39.36 1.52
C LEU D 53 12.64 -38.20 2.51
N LEU D 54 11.51 -38.04 3.22
CA LEU D 54 11.38 -36.91 4.13
C LEU D 54 12.42 -36.95 5.23
N GLU D 55 12.67 -38.14 5.77
CA GLU D 55 13.62 -38.19 6.87
C GLU D 55 15.05 -38.09 6.38
N LYS D 56 15.35 -38.53 5.15
CA LYS D 56 16.71 -38.36 4.63
C LYS D 56 17.07 -36.89 4.47
N TYR D 57 16.13 -36.07 3.97
CA TYR D 57 16.41 -34.67 3.69
C TYR D 57 16.05 -33.74 4.86
N GLY D 58 15.64 -34.29 6.00
CA GLY D 58 15.24 -33.49 7.15
C GLY D 58 14.00 -32.64 6.95
N LEU D 59 13.10 -33.05 6.04
CA LEU D 59 11.90 -32.29 5.69
C LEU D 59 10.67 -32.83 6.42
N ARG D 60 9.86 -31.93 6.95
CA ARG D 60 8.56 -32.32 7.48
C ARG D 60 7.47 -32.03 6.44
N ALA D 61 6.26 -32.52 6.68
CA ALA D 61 5.26 -32.45 5.64
C ALA D 61 3.86 -32.23 6.20
N ALA D 62 3.06 -31.54 5.40
CA ALA D 62 1.61 -31.55 5.51
C ALA D 62 1.04 -32.03 4.19
N CYS D 63 -0.08 -32.73 4.26
CA CYS D 63 -0.85 -33.11 3.09
C CYS D 63 -2.03 -32.16 2.91
N SER D 64 -2.50 -32.06 1.67
CA SER D 64 -3.67 -31.24 1.39
C SER D 64 -4.49 -31.87 0.28
N LEU D 65 -5.74 -31.44 0.18
CA LEU D 65 -6.63 -31.97 -0.85
C LEU D 65 -7.81 -31.03 -1.08
N VAL D 66 -8.56 -31.35 -2.13
CA VAL D 66 -9.92 -30.91 -2.37
C VAL D 66 -10.79 -32.17 -2.44
N LEU D 67 -11.98 -32.11 -1.83
CA LEU D 67 -12.89 -33.25 -1.92
C LEU D 67 -13.38 -33.41 -3.37
N PRO D 68 -13.32 -34.62 -3.93
CA PRO D 68 -14.02 -34.86 -5.19
C PRO D 68 -15.52 -34.73 -5.01
N GLU D 69 -16.22 -34.40 -6.10
CA GLU D 69 -17.64 -34.09 -5.99
C GLU D 69 -18.46 -35.20 -5.34
N PRO D 70 -18.28 -36.49 -5.67
CA PRO D 70 -19.08 -37.53 -5.00
C PRO D 70 -18.97 -37.50 -3.48
N ALA D 71 -18.00 -36.77 -2.94
CA ALA D 71 -17.77 -36.74 -1.50
C ALA D 71 -17.79 -35.32 -0.93
N TRP D 72 -18.46 -34.36 -1.59
CA TRP D 72 -18.64 -33.04 -0.98
C TRP D 72 -19.45 -33.16 0.30
N ALA D 73 -18.92 -32.63 1.40
CA ALA D 73 -19.50 -32.86 2.73
C ALA D 73 -20.83 -32.15 2.92
N SER D 74 -21.08 -31.07 2.17
CA SER D 74 -22.30 -30.30 2.37
C SER D 74 -23.53 -31.08 1.97
N VAL D 75 -23.39 -31.98 1.01
CA VAL D 75 -24.52 -32.75 0.49
C VAL D 75 -24.34 -34.24 0.70
N ARG D 76 -23.14 -34.74 0.94
CA ARG D 76 -22.91 -36.17 1.13
C ARG D 76 -21.89 -36.35 2.24
N PRO D 77 -22.31 -36.18 3.49
CA PRO D 77 -21.34 -36.15 4.60
C PRO D 77 -20.73 -37.51 4.93
N GLU D 78 -21.51 -38.59 4.80
CA GLU D 78 -20.95 -39.93 5.01
C GLU D 78 -19.84 -40.19 4.00
N ALA D 79 -20.04 -39.75 2.76
CA ALA D 79 -19.02 -40.00 1.74
C ALA D 79 -17.78 -39.17 2.01
N ALA D 80 -17.96 -37.92 2.46
CA ALA D 80 -16.82 -37.10 2.84
C ALA D 80 -16.01 -37.77 3.94
N VAL D 81 -16.68 -38.29 4.97
CA VAL D 81 -15.97 -38.93 6.09
C VAL D 81 -15.10 -40.09 5.60
N ALA D 82 -15.67 -40.95 4.76
CA ALA D 82 -14.89 -42.02 4.16
C ALA D 82 -13.65 -41.48 3.45
N HIS D 83 -13.83 -40.49 2.57
CA HIS D 83 -12.70 -40.01 1.79
C HIS D 83 -11.68 -39.30 2.67
N LEU D 84 -12.13 -38.50 3.65
CA LEU D 84 -11.21 -37.83 4.55
C LEU D 84 -10.40 -38.83 5.37
N ASN D 85 -11.07 -39.84 5.92
CA ASN D 85 -10.39 -40.83 6.75
C ASN D 85 -9.36 -41.62 5.96
N ALA D 86 -9.70 -42.00 4.72
CA ALA D 86 -8.72 -42.69 3.87
C ALA D 86 -7.53 -41.78 3.55
N ALA D 87 -7.79 -40.51 3.23
CA ALA D 87 -6.71 -39.56 3.02
C ALA D 87 -5.89 -39.38 4.28
N LEU D 88 -6.54 -39.35 5.44
CA LEU D 88 -5.82 -39.22 6.70
C LEU D 88 -4.92 -40.43 6.94
N ASP D 89 -5.41 -41.62 6.58
CA ASP D 89 -4.61 -42.82 6.71
C ASP D 89 -3.33 -42.73 5.89
N LYS D 90 -3.44 -42.26 4.64
CA LYS D 90 -2.24 -42.07 3.83
C LYS D 90 -1.31 -41.04 4.45
N ALA D 91 -1.86 -39.90 4.87
CA ALA D 91 -1.03 -38.83 5.42
C ALA D 91 -0.23 -39.31 6.63
N ALA D 92 -0.89 -40.06 7.53
CA ALA D 92 -0.19 -40.63 8.69
C ALA D 92 0.91 -41.60 8.26
N GLU D 93 0.66 -42.40 7.21
CA GLU D 93 1.65 -43.37 6.74
C GLU D 93 2.90 -42.69 6.17
N MET D 94 2.73 -41.51 5.59
CA MET D 94 3.84 -40.76 4.99
C MET D 94 4.75 -40.09 6.01
N GLY D 95 4.30 -39.97 7.25
CA GLY D 95 4.94 -39.12 8.22
C GLY D 95 4.41 -37.70 8.30
N ALA D 96 3.38 -37.35 7.53
CA ALA D 96 2.88 -35.98 7.54
C ALA D 96 2.25 -35.67 8.90
N GLU D 97 2.18 -34.39 9.23
CA GLU D 97 1.68 -33.96 10.53
C GLU D 97 0.26 -33.40 10.51
N ALA D 98 -0.35 -33.28 9.33
CA ALA D 98 -1.67 -32.68 9.26
C ALA D 98 -2.24 -32.91 7.87
N LEU D 99 -3.56 -32.85 7.77
CA LEU D 99 -4.26 -32.79 6.49
C LEU D 99 -4.99 -31.46 6.44
N THR D 100 -4.81 -30.69 5.38
CA THR D 100 -5.51 -29.41 5.31
C THR D 100 -5.95 -29.14 3.88
N GLY D 101 -6.46 -27.94 3.66
CA GLY D 101 -6.98 -27.54 2.37
C GLY D 101 -8.49 -27.44 2.35
N VAL D 102 -9.10 -27.72 1.19
CA VAL D 102 -10.55 -27.61 1.06
C VAL D 102 -11.10 -28.98 1.44
N THR D 103 -11.13 -29.24 2.74
CA THR D 103 -11.46 -30.53 3.31
C THR D 103 -12.94 -30.66 3.60
N TYR D 104 -13.73 -29.66 3.21
CA TYR D 104 -15.15 -29.62 3.47
C TYR D 104 -15.97 -29.59 2.20
N GLY D 105 -15.32 -29.50 1.04
CA GLY D 105 -16.04 -29.40 -0.22
C GLY D 105 -15.09 -29.30 -1.41
N GLY D 106 -15.60 -28.71 -2.49
CA GLY D 106 -14.87 -28.61 -3.73
C GLY D 106 -14.46 -27.18 -4.06
N THR D 107 -13.69 -27.06 -5.15
CA THR D 107 -13.25 -25.78 -5.68
C THR D 107 -13.98 -25.40 -6.96
N SER D 108 -15.07 -26.08 -7.28
CA SER D 108 -16.05 -25.58 -8.22
C SER D 108 -17.45 -25.90 -7.72
N GLU D 109 -17.63 -25.84 -6.40
CA GLU D 109 -18.90 -26.17 -5.76
C GLU D 109 -19.75 -24.91 -5.60
N ARG D 110 -21.00 -24.99 -6.04
CA ARG D 110 -21.97 -23.92 -5.80
C ARG D 110 -23.39 -24.46 -5.99
N THR D 111 -24.28 -24.18 -5.05
CA THR D 111 -25.71 -24.45 -5.26
C THR D 111 -26.40 -23.41 -6.12
N GLY D 112 -25.81 -22.22 -6.23
CA GLY D 112 -26.53 -21.08 -6.76
C GLY D 112 -27.18 -20.23 -5.69
N PHE D 113 -27.00 -20.57 -4.43
CA PHE D 113 -27.69 -19.91 -3.33
C PHE D 113 -26.70 -19.71 -2.20
N PRO D 114 -26.97 -18.77 -1.30
CA PRO D 114 -26.12 -18.62 -0.12
C PRO D 114 -26.17 -19.89 0.72
N PRO D 115 -25.14 -20.16 1.51
CA PRO D 115 -25.10 -21.42 2.24
C PRO D 115 -26.20 -21.49 3.28
N THR D 116 -26.73 -22.71 3.49
CA THR D 116 -27.86 -22.96 4.36
C THR D 116 -27.40 -23.60 5.67
N GLN D 117 -28.29 -23.52 6.68
CA GLN D 117 -28.04 -24.18 7.95
C GLN D 117 -27.78 -25.68 7.75
N ALA D 118 -28.63 -26.33 6.98
CA ALA D 118 -28.51 -27.77 6.80
C ALA D 118 -27.17 -28.14 6.17
N GLU D 119 -26.70 -27.32 5.23
CA GLU D 119 -25.37 -27.55 4.66
C GLU D 119 -24.29 -27.46 5.75
N TYR D 120 -24.34 -26.42 6.59
CA TYR D 120 -23.34 -26.30 7.63
C TYR D 120 -23.47 -27.42 8.66
N ASP D 121 -24.69 -27.92 8.84
CA ASP D 121 -24.93 -29.07 9.71
C ASP D 121 -24.16 -30.29 9.22
N ASN D 122 -24.17 -30.52 7.91
CA ASN D 122 -23.47 -31.68 7.37
C ASN D 122 -21.97 -31.53 7.51
N LEU D 123 -21.43 -30.35 7.17
CA LEU D 123 -20.01 -30.09 7.37
C LEU D 123 -19.61 -30.37 8.80
N THR D 124 -20.38 -29.84 9.76
CA THR D 124 -20.05 -29.98 11.17
C THR D 124 -19.90 -31.45 11.55
N ARG D 125 -20.90 -32.27 11.21
CA ARG D 125 -20.82 -33.67 11.61
C ARG D 125 -19.74 -34.42 10.86
N ALA D 126 -19.56 -34.14 9.56
CA ALA D 126 -18.54 -34.86 8.82
C ALA D 126 -17.14 -34.48 9.29
N LEU D 127 -16.90 -33.18 9.51
CA LEU D 127 -15.58 -32.76 9.95
C LEU D 127 -15.31 -33.20 11.40
N SER D 128 -16.33 -33.13 12.26
CA SER D 128 -16.23 -33.71 13.59
C SER D 128 -15.74 -35.16 13.55
N GLN D 129 -16.35 -35.99 12.68
CA GLN D 129 -15.98 -37.39 12.60
C GLN D 129 -14.52 -37.55 12.20
N SER D 130 -14.13 -36.95 11.07
CA SER D 130 -12.79 -37.16 10.52
C SER D 130 -11.71 -36.46 11.33
N ALA D 131 -12.02 -35.36 11.99
CA ALA D 131 -11.04 -34.75 12.86
C ALA D 131 -10.76 -35.61 14.08
N GLY D 132 -11.75 -36.38 14.52
CA GLY D 132 -11.52 -37.34 15.58
C GLY D 132 -10.71 -38.53 15.11
N HIS D 133 -10.87 -38.90 13.84
CA HIS D 133 -10.01 -39.93 13.28
C HIS D 133 -8.58 -39.42 13.17
N ALA D 134 -8.42 -38.18 12.69
CA ALA D 134 -7.11 -37.58 12.60
C ALA D 134 -6.45 -37.50 13.97
N LYS D 135 -7.23 -37.26 15.01
CA LYS D 135 -6.68 -37.24 16.35
C LYS D 135 -6.14 -38.61 16.75
N THR D 136 -6.84 -39.68 16.37
CA THR D 136 -6.34 -41.01 16.69
C THR D 136 -4.99 -41.27 16.05
N LEU D 137 -4.73 -40.65 14.90
CA LEU D 137 -3.46 -40.87 14.22
C LEU D 137 -2.39 -39.85 14.60
N GLY D 138 -2.69 -38.94 15.51
CA GLY D 138 -1.75 -37.90 15.87
C GLY D 138 -1.58 -36.82 14.83
N LEU D 139 -2.64 -36.45 14.12
CA LEU D 139 -2.62 -35.42 13.09
C LEU D 139 -3.57 -34.29 13.44
N GLN D 140 -3.20 -33.08 13.04
CA GLN D 140 -4.13 -31.97 13.05
C GLN D 140 -4.86 -31.91 11.72
N PHE D 141 -5.96 -31.15 11.70
CA PHE D 141 -6.89 -31.13 10.59
C PHE D 141 -7.20 -29.68 10.26
N GLY D 142 -6.98 -29.30 9.00
CA GLY D 142 -7.14 -27.91 8.63
C GLY D 142 -8.33 -27.66 7.74
N ILE D 143 -8.78 -26.41 7.73
CA ILE D 143 -9.87 -25.96 6.88
C ILE D 143 -9.41 -24.68 6.20
N GLU D 144 -9.32 -24.68 4.87
CA GLU D 144 -8.83 -23.52 4.13
C GLU D 144 -9.99 -22.75 3.49
N ALA D 145 -10.12 -21.48 3.87
CA ALA D 145 -11.08 -20.59 3.22
C ALA D 145 -10.64 -20.28 1.79
N VAL D 146 -11.58 -20.33 0.85
CA VAL D 146 -11.30 -20.00 -0.55
C VAL D 146 -12.36 -19.01 -1.04
N ASN D 147 -12.17 -18.51 -2.26
CA ASN D 147 -12.98 -17.39 -2.70
C ASN D 147 -14.32 -17.87 -3.27
N ARG D 148 -15.22 -16.89 -3.43
CA ARG D 148 -16.64 -17.12 -3.72
C ARG D 148 -16.87 -17.88 -5.02
N TYR D 149 -15.92 -17.88 -5.94
CA TYR D 149 -16.11 -18.59 -7.19
C TYR D 149 -15.74 -20.07 -7.10
N GLU D 150 -15.08 -20.49 -6.03
CA GLU D 150 -14.65 -21.88 -5.89
C GLU D 150 -15.57 -22.67 -4.98
N ASN D 151 -16.23 -21.98 -4.06
CA ASN D 151 -16.96 -22.61 -2.99
C ASN D 151 -17.87 -21.58 -2.37
N HIS D 152 -19.07 -21.99 -1.99
CA HIS D 152 -20.03 -21.06 -1.40
C HIS D 152 -20.12 -21.17 0.12
N LEU D 153 -19.27 -21.99 0.75
CA LEU D 153 -19.44 -22.32 2.17
C LEU D 153 -18.44 -21.63 3.09
N VAL D 154 -17.15 -21.64 2.77
CA VAL D 154 -16.11 -21.16 3.68
C VAL D 154 -15.24 -20.21 2.86
N ASN D 155 -15.56 -18.92 2.92
CA ASN D 155 -14.93 -17.88 2.12
C ASN D 155 -14.11 -16.89 2.94
N SER D 156 -14.59 -16.51 4.11
CA SER D 156 -13.89 -15.59 4.98
C SER D 156 -13.37 -16.34 6.19
N ALA D 157 -12.27 -15.83 6.76
CA ALA D 157 -11.74 -16.40 8.01
C ALA D 157 -12.81 -16.51 9.09
N GLU D 158 -13.72 -15.52 9.16
CA GLU D 158 -14.79 -15.51 10.14
C GLU D 158 -15.67 -16.75 10.02
N GLN D 159 -16.06 -17.10 8.79
CA GLN D 159 -16.80 -18.35 8.58
C GLN D 159 -15.99 -19.56 9.04
N ALA D 160 -14.69 -19.59 8.69
CA ALA D 160 -13.83 -20.68 9.13
C ALA D 160 -13.82 -20.80 10.65
N VAL D 161 -13.65 -19.68 11.35
CA VAL D 161 -13.56 -19.70 12.81
C VAL D 161 -14.88 -20.19 13.41
N ALA D 162 -16.01 -19.79 12.82
CA ALA D 162 -17.30 -20.22 13.37
C ALA D 162 -17.45 -21.73 13.24
N LEU D 163 -17.16 -22.26 12.05
CA LEU D 163 -17.17 -23.70 11.85
C LEU D 163 -16.30 -24.41 12.88
N VAL D 164 -15.03 -23.98 13.01
CA VAL D 164 -14.11 -24.59 13.96
C VAL D 164 -14.70 -24.58 15.37
N GLU D 165 -15.35 -23.48 15.73
CA GLU D 165 -15.87 -23.37 17.09
C GLU D 165 -17.11 -24.24 17.28
N ARG D 166 -17.89 -24.45 16.23
CA ARG D 166 -19.02 -25.36 16.34
C ARG D 166 -18.56 -26.80 16.56
N ILE D 167 -17.57 -27.27 15.78
CA ILE D 167 -17.14 -28.65 15.88
C ILE D 167 -16.57 -28.93 17.27
N GLY D 168 -15.80 -27.98 17.80
CA GLY D 168 -15.32 -28.07 19.17
C GLY D 168 -14.17 -29.04 19.41
N ALA D 169 -13.32 -29.23 18.43
CA ALA D 169 -12.24 -30.21 18.50
C ALA D 169 -10.91 -29.49 18.63
N ASP D 170 -10.11 -29.93 19.58
CA ASP D 170 -8.86 -29.26 19.92
C ASP D 170 -7.73 -29.51 18.92
N ASN D 171 -7.99 -30.16 17.78
CA ASN D 171 -6.95 -30.39 16.78
C ASN D 171 -7.36 -29.91 15.40
N ILE D 172 -8.33 -29.00 15.31
CA ILE D 172 -8.71 -28.37 14.05
C ILE D 172 -8.15 -26.95 14.06
N PHE D 173 -7.43 -26.58 13.01
CA PHE D 173 -6.91 -25.23 12.86
C PHE D 173 -7.49 -24.57 11.61
N VAL D 174 -7.39 -23.26 11.57
CA VAL D 174 -7.83 -22.44 10.45
C VAL D 174 -6.64 -22.24 9.53
N HIS D 175 -6.89 -22.23 8.22
CA HIS D 175 -5.84 -22.15 7.21
C HIS D 175 -6.29 -21.09 6.21
N LEU D 176 -5.46 -20.06 6.00
CA LEU D 176 -5.81 -18.96 5.11
C LEU D 176 -4.86 -18.86 3.92
N ASP D 177 -5.36 -18.20 2.88
CA ASP D 177 -4.68 -18.06 1.60
C ASP D 177 -4.78 -16.61 1.16
N THR D 178 -3.62 -15.93 1.04
CA THR D 178 -3.60 -14.51 0.71
C THR D 178 -4.24 -14.23 -0.65
N PHE D 179 -4.08 -15.15 -1.60
CA PHE D 179 -4.78 -15.03 -2.88
C PHE D 179 -6.30 -14.94 -2.69
N HIS D 180 -6.86 -15.78 -1.80
CA HIS D 180 -8.30 -15.78 -1.58
C HIS D 180 -8.72 -14.65 -0.65
N MET D 181 -7.88 -14.33 0.34
CA MET D 181 -8.18 -13.22 1.24
C MET D 181 -8.25 -11.91 0.49
N ASN D 182 -7.42 -11.76 -0.55
CA ASN D 182 -7.37 -10.51 -1.31
C ASN D 182 -8.74 -10.21 -1.95
N MET D 183 -9.57 -11.24 -2.15
CA MET D 183 -10.95 -11.01 -2.56
C MET D 183 -11.89 -10.96 -1.36
N GLU D 184 -11.77 -11.91 -0.44
CA GLU D 184 -12.83 -12.13 0.56
C GLU D 184 -12.71 -11.24 1.79
N GLU D 185 -11.52 -10.79 2.16
CA GLU D 185 -11.40 -10.05 3.41
C GLU D 185 -11.46 -8.55 3.11
N LYS D 186 -12.30 -7.84 3.87
CA LYS D 186 -12.45 -6.38 3.78
C LYS D 186 -11.26 -5.75 4.48
N GLY D 187 -10.17 -5.62 3.74
CA GLY D 187 -8.89 -5.37 4.37
C GLY D 187 -8.27 -6.69 4.74
N ILE D 188 -7.17 -7.06 4.07
CA ILE D 188 -6.69 -8.44 4.12
C ILE D 188 -6.28 -8.83 5.55
N ALA D 189 -5.68 -7.91 6.30
CA ALA D 189 -5.27 -8.24 7.68
C ALA D 189 -6.45 -8.59 8.58
N ASN D 190 -7.67 -8.19 8.23
CA ASN D 190 -8.80 -8.51 9.10
C ASN D 190 -9.06 -10.02 9.19
N GLY D 191 -8.82 -10.76 8.11
CA GLY D 191 -8.97 -12.20 8.17
C GLY D 191 -8.00 -12.84 9.15
N ILE D 192 -6.73 -12.44 9.08
CA ILE D 192 -5.74 -12.96 10.01
C ILE D 192 -6.14 -12.63 11.44
N ILE D 193 -6.61 -11.39 11.66
CA ILE D 193 -7.01 -10.97 12.99
C ILE D 193 -8.24 -11.76 13.45
N ALA D 194 -9.21 -11.98 12.56
CA ALA D 194 -10.39 -12.75 12.95
C ALA D 194 -10.02 -14.16 13.41
N ALA D 195 -9.04 -14.78 12.76
CA ALA D 195 -8.68 -16.15 13.05
C ALA D 195 -7.60 -16.29 14.13
N HIS D 196 -7.28 -15.23 14.86
CA HIS D 196 -6.07 -15.24 15.69
C HIS D 196 -5.99 -16.42 16.64
N ASP D 197 -7.13 -17.00 17.01
CA ASP D 197 -7.11 -18.12 17.95
C ASP D 197 -6.78 -19.44 17.26
N TYR D 198 -7.05 -19.56 15.96
CA TYR D 198 -6.98 -20.84 15.28
C TYR D 198 -6.11 -20.87 14.04
N LEU D 199 -5.49 -19.74 13.67
CA LEU D 199 -4.67 -19.65 12.46
C LEU D 199 -3.31 -20.31 12.68
N LYS D 200 -3.05 -21.38 11.95
CA LYS D 200 -1.79 -22.12 12.09
C LYS D 200 -1.18 -22.47 10.73
N TYR D 201 -1.73 -22.01 9.62
CA TYR D 201 -1.23 -22.35 8.30
C TYR D 201 -1.67 -21.28 7.31
N MET D 202 -0.73 -20.82 6.50
CA MET D 202 -0.99 -19.81 5.48
C MET D 202 -0.51 -20.33 4.14
N HIS D 203 -1.30 -20.10 3.11
CA HIS D 203 -0.80 -20.11 1.75
C HIS D 203 -0.37 -18.69 1.41
N MET D 204 0.91 -18.50 1.20
CA MET D 204 1.45 -17.20 0.80
C MET D 204 1.55 -17.20 -0.71
N SER D 205 0.60 -16.52 -1.34
CA SER D 205 0.36 -16.60 -2.78
C SER D 205 0.02 -15.21 -3.31
N GLU D 206 0.62 -14.86 -4.44
CA GLU D 206 0.39 -13.55 -5.03
C GLU D 206 -1.02 -13.46 -5.63
N SER D 207 -1.47 -12.22 -5.84
CA SER D 207 -2.83 -11.95 -6.27
C SER D 207 -3.14 -12.56 -7.63
N ASP D 208 -2.12 -12.85 -8.45
CA ASP D 208 -2.30 -13.53 -9.73
C ASP D 208 -1.79 -14.97 -9.71
N ARG D 209 -1.56 -15.53 -8.52
CA ARG D 209 -0.97 -16.86 -8.34
C ARG D 209 0.47 -16.94 -8.87
N GLY D 210 1.13 -15.79 -9.05
CA GLY D 210 2.48 -15.72 -9.57
C GLY D 210 3.59 -15.70 -8.53
N THR D 211 4.32 -14.59 -8.46
CA THR D 211 5.50 -14.47 -7.59
C THR D 211 5.19 -13.53 -6.44
N PRO D 212 5.14 -14.01 -5.20
CA PRO D 212 4.90 -13.12 -4.05
C PRO D 212 5.86 -11.93 -4.03
N GLY D 213 5.29 -10.72 -3.92
CA GLY D 213 6.05 -9.48 -3.96
C GLY D 213 5.90 -8.70 -5.26
N PHE D 214 5.25 -9.26 -6.27
CA PHE D 214 5.08 -8.65 -7.59
C PHE D 214 3.63 -8.77 -8.03
N GLY D 215 2.73 -8.30 -7.18
CA GLY D 215 1.33 -8.24 -7.48
C GLY D 215 0.58 -7.27 -6.59
N ASN D 216 -0.61 -7.66 -6.14
CA ASN D 216 -1.51 -6.74 -5.49
C ASN D 216 -1.73 -7.04 -4.01
N VAL D 217 -1.15 -8.12 -3.48
CA VAL D 217 -1.36 -8.49 -2.08
C VAL D 217 -0.61 -7.50 -1.19
N ALA D 218 -1.28 -6.99 -0.16
CA ALA D 218 -0.67 -6.02 0.74
C ALA D 218 0.15 -6.78 1.78
N TRP D 219 1.40 -7.08 1.42
CA TRP D 219 2.23 -7.96 2.24
C TRP D 219 2.60 -7.31 3.57
N ASP D 220 2.76 -5.99 3.59
CA ASP D 220 3.07 -5.32 4.86
C ASP D 220 1.92 -5.49 5.85
N ALA D 221 0.67 -5.38 5.38
CA ALA D 221 -0.47 -5.61 6.26
C ALA D 221 -0.58 -7.09 6.64
N VAL D 222 -0.27 -7.99 5.71
CA VAL D 222 -0.30 -9.41 6.02
C VAL D 222 0.73 -9.74 7.10
N PHE D 223 2.01 -9.39 6.86
CA PHE D 223 3.03 -9.75 7.83
C PHE D 223 2.84 -9.02 9.15
N ALA D 224 2.35 -7.78 9.11
CA ALA D 224 2.11 -7.06 10.36
C ALA D 224 1.10 -7.81 11.23
N ALA D 225 -0.06 -8.17 10.67
CA ALA D 225 -1.06 -8.87 11.46
C ALA D 225 -0.51 -10.19 11.96
N LEU D 226 0.18 -10.94 11.11
CA LEU D 226 0.80 -12.19 11.56
C LEU D 226 1.70 -11.96 12.77
N ALA D 227 2.52 -10.89 12.72
CA ALA D 227 3.40 -10.56 13.82
C ALA D 227 2.61 -10.20 15.06
N ALA D 228 1.59 -9.38 14.90
CA ALA D 228 0.87 -8.85 16.05
C ALA D 228 0.00 -9.89 16.74
N ILE D 229 -0.50 -10.90 16.01
CA ILE D 229 -1.20 -12.01 16.69
C ILE D 229 -0.24 -13.08 17.17
N GLY D 230 1.07 -12.91 16.99
CA GLY D 230 2.04 -13.90 17.43
C GLY D 230 1.91 -15.23 16.72
N PHE D 231 1.85 -15.20 15.41
CA PHE D 231 1.62 -16.41 14.61
C PHE D 231 2.71 -17.45 14.87
N LYS D 232 2.28 -18.64 15.27
CA LYS D 232 3.11 -19.84 15.27
C LYS D 232 2.45 -20.82 14.31
N GLY D 233 3.08 -21.05 13.18
CA GLY D 233 2.49 -21.93 12.19
C GLY D 233 3.40 -22.03 10.99
N VAL D 234 2.84 -22.44 9.86
CA VAL D 234 3.62 -22.66 8.64
C VAL D 234 3.24 -21.58 7.64
N LEU D 235 4.26 -20.97 7.03
CA LEU D 235 4.08 -20.06 5.90
C LEU D 235 4.53 -20.82 4.66
N THR D 236 3.55 -21.33 3.90
CA THR D 236 3.79 -22.16 2.73
C THR D 236 3.53 -21.39 1.43
N LEU D 237 4.51 -21.41 0.52
CA LEU D 237 4.39 -20.74 -0.77
C LEU D 237 3.52 -21.55 -1.72
N GLU D 238 2.60 -20.86 -2.40
CA GLU D 238 1.68 -21.45 -3.37
C GLU D 238 1.69 -20.57 -4.62
N SER D 239 1.95 -21.19 -5.76
CA SER D 239 2.08 -20.51 -7.04
C SER D 239 1.84 -21.52 -8.16
N PHE D 240 1.33 -21.02 -9.29
CA PHE D 240 0.93 -21.87 -10.41
C PHE D 240 1.97 -21.87 -11.54
N ALA D 241 3.20 -21.42 -11.27
CA ALA D 241 4.18 -21.21 -12.34
C ALA D 241 4.60 -22.51 -13.01
N ALA D 242 4.71 -23.60 -12.26
CA ALA D 242 5.18 -24.88 -12.79
C ALA D 242 4.09 -25.73 -13.43
N MET D 243 2.84 -25.21 -13.57
CA MET D 243 1.72 -26.09 -13.95
C MET D 243 1.56 -26.13 -15.46
N PRO D 244 1.46 -27.33 -16.04
CA PRO D 244 1.35 -27.44 -17.50
C PRO D 244 0.06 -26.83 -18.02
N GLU D 245 0.02 -26.66 -19.35
CA GLU D 245 -1.14 -26.06 -19.98
C GLU D 245 -2.34 -26.99 -19.94
N GLU D 246 -2.12 -28.30 -19.91
CA GLU D 246 -3.20 -29.27 -19.83
C GLU D 246 -3.94 -29.22 -18.50
N MET D 247 -3.46 -28.44 -17.53
CA MET D 247 -4.09 -28.32 -16.23
C MET D 247 -4.93 -27.05 -16.10
N ALA D 248 -5.12 -26.32 -17.21
CA ALA D 248 -5.82 -25.04 -17.19
C ALA D 248 -7.21 -25.15 -16.57
N GLY D 249 -8.00 -26.15 -16.99
CA GLY D 249 -9.38 -26.25 -16.55
C GLY D 249 -9.52 -26.47 -15.04
N ALA D 250 -8.60 -27.24 -14.45
CA ALA D 250 -8.69 -27.57 -13.03
C ALA D 250 -8.45 -26.37 -12.13
N ILE D 251 -7.64 -25.40 -12.58
CA ILE D 251 -7.24 -24.26 -11.77
C ILE D 251 -7.75 -22.92 -12.34
N SER D 252 -8.59 -22.98 -13.38
CA SER D 252 -9.15 -21.80 -14.05
C SER D 252 -8.07 -20.77 -14.40
N THR D 253 -6.95 -21.24 -14.95
CA THR D 253 -5.85 -20.36 -15.37
C THR D 253 -5.64 -20.54 -16.87
N TRP D 254 -5.79 -19.46 -17.64
CA TRP D 254 -5.87 -19.55 -19.09
C TRP D 254 -4.63 -19.04 -19.81
N ARG D 255 -3.60 -18.66 -19.07
CA ARG D 255 -2.42 -18.04 -19.64
C ARG D 255 -1.31 -18.15 -18.61
N PRO D 256 -0.04 -18.04 -19.05
CA PRO D 256 1.08 -18.11 -18.09
C PRO D 256 0.91 -17.17 -16.91
N VAL D 257 1.39 -17.61 -15.76
CA VAL D 257 1.19 -16.89 -14.50
C VAL D 257 2.45 -16.13 -14.09
N ALA D 258 3.62 -16.74 -14.28
CA ALA D 258 4.90 -16.06 -14.14
C ALA D 258 5.83 -16.53 -15.26
N SER D 259 7.13 -16.57 -15.01
CA SER D 259 8.11 -16.92 -16.04
C SER D 259 8.88 -18.20 -15.73
N GLY D 260 8.30 -19.10 -14.94
CA GLY D 260 9.00 -20.33 -14.61
C GLY D 260 9.11 -20.54 -13.12
N ALA D 261 9.00 -21.81 -12.70
CA ALA D 261 9.09 -22.13 -11.28
C ALA D 261 10.42 -21.68 -10.68
N ASP D 262 11.50 -21.68 -11.49
CA ASP D 262 12.83 -21.28 -11.04
C ASP D 262 12.83 -19.86 -10.48
N GLU D 263 12.33 -18.91 -11.27
CA GLU D 263 12.28 -17.53 -10.80
C GLU D 263 11.32 -17.39 -9.64
N VAL D 264 10.22 -18.15 -9.67
CA VAL D 264 9.23 -18.01 -8.61
C VAL D 264 9.77 -18.53 -7.29
N LEU D 265 10.39 -19.71 -7.30
CA LEU D 265 11.04 -20.20 -6.09
C LEU D 265 12.11 -19.23 -5.61
N ASP D 266 12.97 -18.78 -6.53
CA ASP D 266 14.11 -17.95 -6.15
C ASP D 266 13.66 -16.61 -5.56
N LYS D 267 12.85 -15.84 -6.29
CA LYS D 267 12.50 -14.50 -5.82
C LYS D 267 11.40 -14.54 -4.76
N GLY D 268 10.45 -15.45 -4.88
CA GLY D 268 9.33 -15.51 -3.94
C GLY D 268 9.75 -15.94 -2.55
N LEU D 269 10.45 -17.07 -2.45
CA LEU D 269 10.96 -17.51 -1.16
C LEU D 269 11.89 -16.46 -0.55
N ALA D 270 12.71 -15.81 -1.38
CA ALA D 270 13.56 -14.74 -0.88
C ALA D 270 12.73 -13.60 -0.30
N PHE D 271 11.63 -13.25 -0.97
CA PHE D 271 10.76 -12.18 -0.50
C PHE D 271 10.05 -12.57 0.80
N LEU D 272 9.59 -13.81 0.90
CA LEU D 272 8.98 -14.24 2.16
C LEU D 272 10.00 -14.30 3.30
N ARG D 273 11.21 -14.78 3.01
CA ARG D 273 12.28 -14.80 4.01
C ARG D 273 12.58 -13.39 4.54
N ASP D 274 12.70 -12.42 3.64
CA ASP D 274 13.05 -11.06 4.06
C ASP D 274 11.89 -10.37 4.79
N LYS D 275 10.66 -10.55 4.32
CA LYS D 275 9.50 -10.03 5.04
C LYS D 275 9.38 -10.66 6.41
N ALA D 276 9.59 -11.98 6.50
CA ALA D 276 9.48 -12.68 7.79
C ALA D 276 10.49 -12.16 8.79
N SER D 277 11.68 -11.77 8.31
CA SER D 277 12.70 -11.26 9.22
C SER D 277 12.43 -9.81 9.59
N GLN D 278 11.89 -9.03 8.65
CA GLN D 278 11.54 -7.64 8.92
C GLN D 278 10.53 -7.54 10.07
N TYR D 279 9.51 -8.36 10.05
CA TYR D 279 8.49 -8.37 11.08
C TYR D 279 8.74 -9.40 12.18
N ARG D 280 9.87 -10.11 12.15
CA ARG D 280 10.28 -10.97 13.26
C ARG D 280 9.28 -12.09 13.53
N ILE D 281 8.80 -12.72 12.45
CA ILE D 281 7.64 -13.62 12.50
C ILE D 281 7.77 -14.70 13.57
N PHE D 282 8.96 -15.27 13.74
CA PHE D 282 9.07 -16.36 14.70
C PHE D 282 9.89 -16.01 15.94
N GLY D 283 10.19 -14.73 16.15
CA GLY D 283 11.07 -14.32 17.24
C GLY D 283 12.53 -14.64 16.96
MG MG E . 19.12 12.06 -2.21
MG MG F . 23.83 34.28 -21.53
S SO4 G . 22.08 7.19 -22.59
O1 SO4 G . 22.22 6.90 -24.02
O2 SO4 G . 22.75 8.45 -22.26
O3 SO4 G . 20.66 7.34 -22.27
O4 SO4 G . 22.69 6.07 -21.86
MG MG H . 2.67 14.43 17.19
S SO4 I . 4.23 2.47 39.94
O1 SO4 I . 4.57 3.89 39.82
O2 SO4 I . 5.46 1.69 39.75
O3 SO4 I . 3.24 2.08 38.94
O4 SO4 I . 3.67 2.15 41.25
S SO4 J . -11.77 4.97 29.51
O1 SO4 J . -11.94 6.00 28.50
O2 SO4 J . -10.40 4.45 29.51
O3 SO4 J . -12.68 3.86 29.22
O4 SO4 J . -12.03 5.53 30.83
MG MG K . -17.47 -4.26 -13.96
MG MG L . -4.46 -22.18 -1.22
S SO4 M . 6.82 -27.02 16.39
O1 SO4 M . 7.44 -27.49 15.17
O2 SO4 M . 7.69 -26.02 17.04
O3 SO4 M . 5.52 -26.42 16.10
O4 SO4 M . 6.62 -28.15 17.29
#